data_6MPD
#
_entry.id   6MPD
#
_cell.length_a   59.500
_cell.length_b   133.130
_cell.length_c   143.430
_cell.angle_alpha   90.00
_cell.angle_beta   90.00
_cell.angle_gamma   90.00
#
_symmetry.space_group_name_H-M   'P 2 21 21'
#
loop_
_entity.id
_entity.type
_entity.pdbx_description
1 polymer 'Tyrosine phenol-lyase'
2 polymer 'Tyrosine phenol-lyase'
3 non-polymer 'POTASSIUM ION'
4 non-polymer pyridin-4-ol
5 non-polymer '2-{[(E)-{3-hydroxy-2-methyl-5-[(phosphonooxy)methyl]pyridin-4-yl}methylidene]amino}prop-2-enoic acid'
6 non-polymer 3,6,9,12,15,18-HEXAOXAICOSANE-1,20-DIOL
7 non-polymer 3-FLUOROTYROSINE
8 water water
#
loop_
_entity_poly.entity_id
_entity_poly.type
_entity_poly.pdbx_seq_one_letter_code
_entity_poly.pdbx_strand_id
1 'polypeptide(L)'
;MNYPAEPFRIKSVETVSMIPRDERLKKMQEAGYNTFLLNSKDIYIDLLTDSGTNAMSDKQWAGMMMGDEAYAGSENFYHL
ERTVQELFGFKHIVPTHQGRGAENLLSQLAIKPGQYVAGNMYFTTTRYHQEKNGAVFVDIVRDEAHDAGLNIAFKGDIDL
KKLQKLIDEKGAENIAYICLAVTVNLAGGQPVSMANMRAVRELTAAHGIKVFYDATRCVENAYFIKEQEQGFENKSIAEI
VHEMFSYADGCTMSGKKDCLVNIGGFLCMNDDEMFSSAKELVVVYEGMPSYGGLAGRDMEAMAIGLREAMQYEYIEHRVK
QVRYLGDKLKAAGVPIVEPVGGHAVFLDARRFCEHLTQDEFPAQSLAASIYVETGVRSMERGIISAGRNNVTGEHHRPKL
ETVRLTIPRRVYTYAHMDVVADGIIKLYQHKEDIRGLKFIYEPKQLRFFTARFDYI
;
A
2 'polypeptide(L)'
;MNYPAEPFRIKSVETVSMIPRDERLKKMQEAGYNTFLLNSKDIYIDLLTDSGTNAMSDKQWAGMMMGDEAYAGSENFYHL
ERTVQELFGFKHIVPTHQGRGAENLLSQLAIKPGQYVAGNMYFTTTRYHQEKNGAVFVDIVRDEAHDAGLNIAFKGDIDL
KKLQKLIDEKGAENIAYICLAVTVNLAGGQPVSMANMRAVRELTAAHGIKVFYDATRCVENAYFIKEQEQGFENKSIAEI
VHEMFSYADGCTMSGK(LLP)DCLVNIGGFLCMNDDEMFSSAKELVVVYEGMPSYGGLAGRDMEAMAIGLREAMQYEYIE
HRVKQVRYLGDKLKAAGVPIVEPVGGHAVFLDARRFCEHLTQDEFPAQSLAASIYVETGVRSMERGIISAGRNNVTGEHH
RPKLETVRLTIPRRVYTYAHMDVVADGIIKLYQHKEDIRGLKFIYEPKQLRFFTARFDYI
;
B
#
# COMPACT_ATOMS: atom_id res chain seq x y z
N ASN A 2 -16.62 35.88 -0.01
CA ASN A 2 -17.42 34.67 -0.18
C ASN A 2 -16.50 33.47 -0.40
N TYR A 3 -15.34 33.73 -0.97
CA TYR A 3 -14.35 32.69 -1.23
C TYR A 3 -13.04 33.10 -0.58
N PRO A 4 -12.65 32.46 0.50
CA PRO A 4 -11.45 32.88 1.22
C PRO A 4 -10.18 32.55 0.44
N ALA A 5 -9.15 33.36 0.67
CA ALA A 5 -7.83 33.08 0.12
C ALA A 5 -7.19 31.88 0.84
N GLU A 6 -6.13 31.35 0.23
CA GLU A 6 -5.46 30.19 0.81
C GLU A 6 -4.92 30.55 2.19
N PRO A 7 -5.24 29.78 3.22
CA PRO A 7 -4.75 30.03 4.58
C PRO A 7 -3.35 29.45 4.80
N PHE A 8 -2.46 29.71 3.84
CA PHE A 8 -1.12 29.20 3.88
C PHE A 8 -0.40 29.90 2.74
N ARG A 9 0.91 29.78 2.73
CA ARG A 9 1.73 30.26 1.62
C ARG A 9 2.23 29.07 0.84
N ILE A 10 2.70 29.32 -0.38
CA ILE A 10 3.39 28.29 -1.13
C ILE A 10 4.83 28.22 -0.66
N LYS A 11 5.26 27.05 -0.16
CA LYS A 11 6.65 26.80 0.21
C LYS A 11 7.48 26.25 -0.95
N SER A 12 6.95 25.29 -1.72
CA SER A 12 7.64 24.85 -2.93
C SER A 12 6.63 24.49 -4.01
N VAL A 13 7.10 24.42 -5.24
CA VAL A 13 6.22 24.27 -6.39
C VAL A 13 6.67 23.08 -7.23
N GLU A 14 5.78 22.67 -8.15
N GLU A 14 5.70 22.49 -7.91
CA GLU A 14 6.13 21.79 -9.26
CA GLU A 14 5.94 21.37 -8.81
C GLU A 14 5.48 22.30 -10.54
C GLU A 14 5.86 21.92 -10.23
N THR A 15 6.24 22.32 -11.64
N THR A 15 6.96 21.83 -10.96
CA THR A 15 5.76 22.94 -12.87
CA THR A 15 6.92 22.32 -12.32
C THR A 15 4.61 22.12 -13.46
C THR A 15 6.01 21.40 -13.14
N VAL A 16 3.79 22.80 -14.28
N VAL A 16 5.26 22.02 -14.03
CA VAL A 16 2.72 22.14 -15.02
CA VAL A 16 4.41 21.33 -14.98
C VAL A 16 2.85 22.52 -16.48
C VAL A 16 4.72 21.91 -16.35
N SER A 17 2.35 21.65 -17.34
N SER A 17 4.56 21.08 -17.38
CA SER A 17 2.46 21.87 -18.77
CA SER A 17 4.75 21.54 -18.75
C SER A 17 1.29 21.21 -19.47
C SER A 17 3.50 22.29 -19.21
N MET A 18 1.02 21.67 -20.68
N MET A 18 3.68 23.53 -19.64
CA MET A 18 -0.07 21.15 -21.49
CA MET A 18 2.59 24.32 -20.19
C MET A 18 0.47 20.81 -22.86
C MET A 18 2.46 24.06 -21.70
N ILE A 19 0.27 19.56 -23.29
N ILE A 19 2.33 22.78 -22.02
CA ILE A 19 0.69 19.12 -24.62
CA ILE A 19 2.24 22.35 -23.41
C ILE A 19 -0.41 19.44 -25.62
C ILE A 19 0.94 22.85 -24.02
N PRO A 20 -0.10 19.60 -26.91
N PRO A 20 0.95 23.26 -25.27
CA PRO A 20 -1.11 20.03 -27.88
CA PRO A 20 -0.24 23.86 -25.89
C PRO A 20 -2.27 19.04 -28.01
C PRO A 20 -1.29 22.82 -26.24
N ARG A 21 -3.41 19.57 -28.46
N ARG A 21 -2.48 23.32 -26.55
CA ARG A 21 -4.61 18.76 -28.60
CA ARG A 21 -3.62 22.45 -26.83
C ARG A 21 -4.37 17.55 -29.47
C ARG A 21 -3.36 21.55 -28.04
N ASP A 22 -3.55 17.68 -30.52
N ASP A 22 -2.60 22.04 -29.01
CA ASP A 22 -3.23 16.55 -31.37
CA ASP A 22 -2.21 21.22 -30.15
C ASP A 22 -2.59 15.42 -30.57
C ASP A 22 -1.48 19.96 -29.68
N GLU A 23 -1.73 15.76 -29.61
N GLU A 23 -0.46 20.12 -28.84
CA GLU A 23 -1.05 14.72 -28.85
CA GLU A 23 0.28 18.96 -28.35
C GLU A 23 -1.95 14.15 -27.77
C GLU A 23 -0.55 18.12 -27.39
N ARG A 24 -2.76 14.99 -27.11
N ARG A 24 -1.45 18.76 -26.62
CA ARG A 24 -3.75 14.51 -26.15
CA ARG A 24 -2.32 18.00 -25.73
C ARG A 24 -4.71 13.52 -26.80
C ARG A 24 -3.24 17.05 -26.52
N LEU A 25 -5.05 13.75 -28.08
N LEU A 25 -3.68 17.46 -27.71
CA LEU A 25 -5.92 12.82 -28.78
CA LEU A 25 -4.50 16.55 -28.52
C LEU A 25 -5.26 11.47 -28.97
C LEU A 25 -3.74 15.27 -28.83
N LYS A 26 -3.98 11.47 -29.36
N LYS A 26 -2.47 15.40 -29.25
CA LYS A 26 -3.22 10.23 -29.44
CA LYS A 26 -1.69 14.23 -29.59
C LYS A 26 -3.17 9.54 -28.09
C LYS A 26 -1.41 13.37 -28.37
N LYS A 27 -2.85 10.28 -27.03
N LYS A 27 -1.28 13.96 -27.18
CA LYS A 27 -2.73 9.68 -25.71
CA LYS A 27 -1.11 13.16 -25.98
C LYS A 27 -4.05 9.06 -25.25
C LYS A 27 -2.40 12.41 -25.65
N MET A 28 -5.18 9.72 -25.55
N MET A 28 -3.56 13.01 -25.90
CA MET A 28 -6.47 9.22 -25.08
CA MET A 28 -4.82 12.31 -25.68
C MET A 28 -6.83 7.88 -25.72
C MET A 28 -4.98 11.16 -26.65
N GLN A 29 -6.58 7.73 -27.03
N GLN A 29 -4.52 11.34 -27.89
CA GLN A 29 -6.87 6.44 -27.64
CA GLN A 29 -4.64 10.30 -28.90
C GLN A 29 -5.83 5.39 -27.22
C GLN A 29 -3.69 9.15 -28.60
N GLU A 30 -4.61 5.81 -26.90
N GLU A 30 -2.49 9.44 -28.11
CA GLU A 30 -3.61 4.86 -26.41
CA GLU A 30 -1.58 8.37 -27.70
C GLU A 30 -3.94 4.37 -25.00
C GLU A 30 -2.12 7.61 -26.50
N ALA A 31 -4.67 5.18 -24.24
N ALA A 31 -3.10 8.16 -25.80
CA ALA A 31 -5.21 4.76 -22.94
CA ALA A 31 -3.74 7.50 -24.69
C ALA A 31 -6.55 4.04 -23.07
C ALA A 31 -5.07 6.84 -25.05
N GLY A 32 -6.94 3.67 -24.29
N GLY A 32 -5.36 6.70 -26.33
CA GLY A 32 -8.23 3.04 -24.50
CA GLY A 32 -6.64 6.15 -26.75
C GLY A 32 -9.41 3.83 -23.97
C GLY A 32 -7.84 6.82 -26.09
N TYR A 33 -9.32 5.15 -23.99
N TYR A 33 -7.78 8.13 -25.86
CA TYR A 33 -10.38 6.06 -23.58
CA TYR A 33 -8.91 8.91 -25.37
C TYR A 33 -10.77 5.87 -22.11
C TYR A 33 -9.39 8.42 -24.00
N ASN A 34 -9.84 5.38 -21.30
N ASN A 34 -8.50 7.85 -23.20
CA ASN A 34 -9.98 5.32 -19.85
CA ASN A 34 -8.81 7.44 -21.84
C ASN A 34 -8.98 6.29 -19.24
C ASN A 34 -7.99 8.29 -20.88
N THR A 35 -9.47 7.29 -18.53
N THR A 35 -8.67 8.90 -19.92
CA THR A 35 -8.58 8.28 -17.92
CA THR A 35 -7.96 9.71 -18.94
C THR A 35 -7.58 7.64 -16.95
C THR A 35 -7.11 8.84 -18.01
N PHE A 36 -7.97 6.57 -16.27
N PHE A 36 -7.56 7.63 -17.69
CA PHE A 36 -7.05 5.88 -15.36
CA PHE A 36 -6.87 6.85 -16.67
C PHE A 36 -5.76 5.44 -16.04
C PHE A 36 -5.50 6.38 -17.14
N LEU A 37 -5.76 5.26 -17.35
N LEU A 37 -5.32 6.15 -18.44
CA LEU A 37 -4.60 4.73 -18.06
CA LEU A 37 -4.02 5.72 -18.94
C LEU A 37 -3.69 5.81 -18.63
C LEU A 37 -3.16 6.89 -19.38
N LEU A 38 -4.05 7.09 -18.53
N LEU A 38 -3.58 8.12 -19.08
CA LEU A 38 -3.17 8.14 -19.02
CA LEU A 38 -2.73 9.29 -19.24
C LEU A 38 -1.97 8.31 -18.09
C LEU A 38 -1.54 9.23 -18.29
N ASN A 39 -0.89 8.86 -18.65
N ASN A 39 -0.41 9.75 -18.76
CA ASN A 39 0.33 9.11 -17.90
CA ASN A 39 0.80 9.87 -17.96
C ASN A 39 0.28 10.46 -17.21
C ASN A 39 0.84 11.21 -17.25
N SER A 40 0.95 10.55 -16.04
N SER A 40 1.29 11.20 -15.98
CA SER A 40 0.96 11.79 -15.27
CA SER A 40 1.23 12.42 -15.17
C SER A 40 1.56 12.94 -16.06
C SER A 40 2.02 13.57 -15.79
N LYS A 41 2.66 12.69 -16.77
N LYS A 41 3.07 13.26 -16.56
CA LYS A 41 3.36 13.78 -17.46
CA LYS A 41 3.84 14.30 -17.21
C LYS A 41 2.51 14.36 -18.59
C LYS A 41 3.04 15.00 -18.30
N ASP A 42 1.64 13.56 -19.19
N ASP A 42 2.09 14.30 -18.93
CA ASP A 42 0.78 14.02 -20.27
CA ASP A 42 1.24 14.93 -19.95
C ASP A 42 -0.47 14.77 -19.77
C ASP A 42 0.17 15.80 -19.31
N ILE A 43 -0.44 15.31 -18.56
N ILE A 43 -0.46 15.29 -18.25
CA ILE A 43 -1.61 15.95 -17.96
CA ILE A 43 -1.64 15.93 -17.69
C ILE A 43 -1.21 17.30 -17.37
C ILE A 43 -1.29 17.31 -17.16
N TYR A 44 -2.07 18.30 -17.55
CA TYR A 44 -1.81 19.68 -17.12
C TYR A 44 -2.32 19.95 -15.70
N ILE A 45 -3.60 19.68 -15.44
CA ILE A 45 -4.18 19.80 -14.10
C ILE A 45 -4.86 18.47 -13.82
N ASP A 46 -4.41 17.77 -12.78
CA ASP A 46 -4.76 16.36 -12.61
C ASP A 46 -5.81 16.28 -11.51
N LEU A 47 -7.08 16.17 -11.91
CA LEU A 47 -8.19 16.07 -10.98
C LEU A 47 -8.77 14.66 -10.95
N LEU A 48 -7.94 13.66 -11.26
N LEU A 48 -7.94 13.67 -11.26
CA LEU A 48 -8.39 12.27 -11.20
CA LEU A 48 -8.36 12.27 -11.21
C LEU A 48 -8.91 11.92 -9.81
C LEU A 48 -8.87 11.90 -9.82
N THR A 49 -8.19 12.36 -8.78
CA THR A 49 -8.55 11.96 -7.42
C THR A 49 -7.87 12.89 -6.42
N ASP A 50 -8.54 13.04 -5.28
CA ASP A 50 -7.95 13.70 -4.11
C ASP A 50 -7.21 12.72 -3.19
N SER A 51 -7.00 11.48 -3.61
CA SER A 51 -6.41 10.45 -2.77
C SER A 51 -4.90 10.42 -2.98
N GLY A 52 -4.15 10.82 -1.95
CA GLY A 52 -2.70 10.71 -1.98
C GLY A 52 -2.01 11.74 -2.83
N THR A 53 -2.77 12.70 -3.37
CA THR A 53 -2.24 13.73 -4.22
C THR A 53 -2.07 15.06 -3.50
N ASN A 54 -2.22 15.08 -2.18
CA ASN A 54 -2.22 16.33 -1.44
C ASN A 54 -0.82 16.92 -1.32
N ALA A 55 -0.77 18.25 -1.11
CA ALA A 55 0.48 18.92 -0.75
C ALA A 55 0.64 18.92 0.76
N MET A 56 1.78 18.43 1.23
CA MET A 56 2.08 18.46 2.66
C MET A 56 2.67 19.81 3.03
N SER A 57 2.74 20.05 4.33
CA SER A 57 3.24 21.32 4.82
C SER A 57 4.73 21.22 5.17
N ASP A 58 5.28 22.38 5.56
CA ASP A 58 6.63 22.41 6.03
C ASP A 58 6.80 21.59 7.29
N LYS A 59 5.79 21.59 8.17
CA LYS A 59 5.92 20.78 9.38
C LYS A 59 5.92 19.31 9.05
N GLN A 60 5.13 18.90 8.06
CA GLN A 60 5.12 17.48 7.71
C GLN A 60 6.44 17.07 7.11
N TRP A 61 6.98 17.89 6.21
CA TRP A 61 8.29 17.60 5.64
C TRP A 61 9.39 17.60 6.70
N ALA A 62 9.26 18.44 7.74
CA ALA A 62 10.24 18.31 8.83
C ALA A 62 10.11 16.94 9.48
N GLY A 63 8.88 16.48 9.70
CA GLY A 63 8.69 15.15 10.26
C GLY A 63 9.20 14.07 9.34
N MET A 64 9.17 14.32 8.02
CA MET A 64 9.69 13.36 7.04
C MET A 64 11.20 13.15 7.20
N MET A 65 11.91 14.15 7.73
CA MET A 65 13.33 14.04 7.98
C MET A 65 13.61 13.33 9.30
N MET A 66 12.58 13.14 10.13
CA MET A 66 12.70 12.50 11.43
CA MET A 66 12.75 12.48 11.40
C MET A 66 12.08 11.11 11.41
N GLY A 67 12.12 10.44 10.27
CA GLY A 67 11.64 9.08 10.25
C GLY A 67 12.46 8.19 11.16
N ASP A 68 11.79 7.51 12.09
CA ASP A 68 12.40 6.53 12.97
C ASP A 68 12.00 5.18 12.39
N GLU A 69 12.90 4.57 11.63
CA GLU A 69 12.51 3.46 10.78
C GLU A 69 12.55 2.12 11.48
N ALA A 70 12.61 2.12 12.81
CA ALA A 70 12.68 0.88 13.58
C ALA A 70 11.44 0.03 13.38
N TYR A 71 11.66 -1.28 13.41
CA TYR A 71 10.61 -2.23 13.09
C TYR A 71 9.53 -2.24 14.16
N ALA A 72 9.92 -1.98 15.40
CA ALA A 72 8.97 -1.90 16.50
C ALA A 72 9.39 -0.74 17.39
N GLY A 73 8.42 -0.09 18.03
CA GLY A 73 8.75 0.95 18.98
C GLY A 73 9.18 2.27 18.38
N SER A 74 8.88 2.49 17.11
CA SER A 74 9.21 3.77 16.47
C SER A 74 8.49 4.94 17.14
N GLU A 75 9.24 6.02 17.41
CA GLU A 75 8.62 7.26 17.83
C GLU A 75 7.49 7.67 16.90
N ASN A 76 7.61 7.41 15.58
CA ASN A 76 6.57 7.84 14.67
C ASN A 76 5.28 7.07 14.91
N PHE A 77 5.39 5.78 15.25
CA PHE A 77 4.20 5.01 15.56
C PHE A 77 3.53 5.56 16.81
N TYR A 78 4.31 5.80 17.85
CA TYR A 78 3.71 6.35 19.07
C TYR A 78 3.02 7.66 18.79
N HIS A 79 3.66 8.55 18.01
CA HIS A 79 3.02 9.83 17.69
CA HIS A 79 3.03 9.84 17.68
C HIS A 79 1.71 9.63 16.95
N LEU A 80 1.69 8.72 15.96
CA LEU A 80 0.44 8.50 15.24
C LEU A 80 -0.62 7.92 16.18
N GLU A 81 -0.24 6.95 16.99
CA GLU A 81 -1.20 6.29 17.87
C GLU A 81 -1.82 7.30 18.82
N ARG A 82 -0.99 8.13 19.45
CA ARG A 82 -1.57 9.04 20.44
C ARG A 82 -2.37 10.15 19.76
N THR A 83 -1.97 10.57 18.55
CA THR A 83 -2.75 11.58 17.85
C THR A 83 -4.14 11.07 17.48
N VAL A 84 -4.21 9.84 16.95
CA VAL A 84 -5.51 9.29 16.59
C VAL A 84 -6.34 9.02 17.84
N GLN A 85 -5.72 8.50 18.89
CA GLN A 85 -6.47 8.31 20.15
C GLN A 85 -7.07 9.61 20.63
N GLU A 86 -6.31 10.70 20.55
CA GLU A 86 -6.78 12.01 21.04
C GLU A 86 -7.84 12.60 20.11
N LEU A 87 -7.63 12.55 18.80
CA LEU A 87 -8.54 13.26 17.91
C LEU A 87 -9.80 12.45 17.58
N PHE A 88 -9.69 11.13 17.45
CA PHE A 88 -10.82 10.29 17.13
C PHE A 88 -11.45 9.63 18.34
N GLY A 89 -10.67 9.43 19.40
CA GLY A 89 -11.19 8.88 20.63
C GLY A 89 -11.27 7.38 20.69
N PHE A 90 -10.72 6.65 19.72
CA PHE A 90 -10.79 5.20 19.78
C PHE A 90 -9.68 4.63 20.64
N LYS A 91 -9.94 3.46 21.22
CA LYS A 91 -8.99 2.84 22.15
C LYS A 91 -7.75 2.33 21.43
N HIS A 92 -7.92 1.69 20.26
CA HIS A 92 -6.83 0.97 19.60
C HIS A 92 -6.68 1.44 18.16
N ILE A 93 -5.44 1.41 17.66
CA ILE A 93 -5.18 1.77 16.27
C ILE A 93 -4.19 0.77 15.67
N VAL A 94 -4.49 0.31 14.46
CA VAL A 94 -3.58 -0.50 13.66
C VAL A 94 -3.26 0.27 12.38
N PRO A 95 -2.02 0.72 12.14
CA PRO A 95 -1.74 1.40 10.87
C PRO A 95 -1.83 0.42 9.72
N THR A 96 -2.23 0.93 8.55
CA THR A 96 -2.25 0.15 7.32
C THR A 96 -1.66 1.02 6.22
N HIS A 97 -1.26 0.41 5.10
CA HIS A 97 -0.54 1.26 4.15
C HIS A 97 -1.49 2.23 3.47
N GLN A 98 -2.77 1.89 3.34
CA GLN A 98 -3.81 2.84 2.95
C GLN A 98 -5.16 2.25 3.33
N GLY A 99 -6.24 2.91 2.87
CA GLY A 99 -7.56 2.59 3.39
C GLY A 99 -8.06 1.19 3.05
N ARG A 100 -7.76 0.71 1.84
CA ARG A 100 -8.31 -0.61 1.52
C ARG A 100 -7.57 -1.73 2.24
N GLY A 101 -6.36 -1.47 2.75
CA GLY A 101 -5.74 -2.43 3.66
C GLY A 101 -6.50 -2.56 4.97
N ALA A 102 -6.97 -1.43 5.50
CA ALA A 102 -7.82 -1.47 6.69
C ALA A 102 -9.16 -2.13 6.40
N GLU A 103 -9.74 -1.84 5.23
CA GLU A 103 -11.01 -2.48 4.86
C GLU A 103 -10.84 -3.99 4.75
N ASN A 104 -9.72 -4.44 4.19
CA ASN A 104 -9.43 -5.86 4.13
C ASN A 104 -9.46 -6.48 5.53
N LEU A 105 -8.80 -5.85 6.49
CA LEU A 105 -8.77 -6.38 7.86
C LEU A 105 -10.17 -6.40 8.46
N LEU A 106 -10.89 -5.28 8.35
CA LEU A 106 -12.21 -5.18 8.97
C LEU A 106 -13.15 -6.24 8.43
N SER A 107 -13.20 -6.39 7.10
CA SER A 107 -14.14 -7.32 6.51
C SER A 107 -13.84 -8.75 6.92
N GLN A 108 -12.56 -9.12 7.04
CA GLN A 108 -12.21 -10.46 7.49
C GLN A 108 -12.51 -10.63 8.98
N LEU A 109 -12.41 -9.57 9.76
CA LEU A 109 -12.62 -9.69 11.21
C LEU A 109 -14.09 -9.70 11.59
N ALA A 110 -14.94 -9.01 10.84
CA ALA A 110 -16.28 -8.66 11.32
C ALA A 110 -17.42 -9.27 10.52
N ILE A 111 -17.15 -10.06 9.48
CA ILE A 111 -18.20 -10.58 8.61
C ILE A 111 -18.21 -12.11 8.70
N LYS A 112 -19.33 -12.67 9.15
CA LYS A 112 -19.60 -14.09 8.95
C LYS A 112 -20.29 -14.29 7.61
N PRO A 113 -19.90 -15.31 6.85
CA PRO A 113 -20.50 -15.52 5.52
C PRO A 113 -22.02 -15.63 5.60
N GLY A 114 -22.70 -14.93 4.69
CA GLY A 114 -24.14 -14.90 4.68
C GLY A 114 -24.76 -13.74 5.41
N GLN A 115 -23.97 -12.94 6.13
CA GLN A 115 -24.50 -11.80 6.86
C GLN A 115 -24.65 -10.58 5.95
N TYR A 116 -25.39 -9.60 6.45
CA TYR A 116 -25.61 -8.36 5.74
C TYR A 116 -24.71 -7.27 6.29
N VAL A 117 -24.15 -6.46 5.40
CA VAL A 117 -23.54 -5.18 5.74
C VAL A 117 -24.39 -4.10 5.09
N ALA A 118 -24.80 -3.11 5.89
CA ALA A 118 -25.64 -2.03 5.41
C ALA A 118 -24.90 -0.71 5.55
N GLY A 119 -24.92 0.10 4.50
CA GLY A 119 -24.23 1.38 4.51
C GLY A 119 -24.98 2.44 3.75
N ASN A 120 -24.53 3.69 3.92
CA ASN A 120 -25.11 4.83 3.20
C ASN A 120 -24.41 4.94 1.84
N MET A 121 -24.90 4.13 0.89
CA MET A 121 -24.39 4.03 -0.48
C MET A 121 -23.07 3.25 -0.52
N TYR A 122 -22.85 2.52 -1.60
CA TYR A 122 -21.69 1.65 -1.68
C TYR A 122 -20.44 2.48 -1.99
N PHE A 123 -19.27 1.86 -1.81
CA PHE A 123 -18.03 2.33 -2.41
C PHE A 123 -17.28 1.12 -2.96
N THR A 124 -16.46 1.36 -4.00
CA THR A 124 -15.95 0.25 -4.82
C THR A 124 -15.12 -0.73 -3.98
N THR A 125 -14.04 -0.25 -3.35
CA THR A 125 -13.19 -1.18 -2.62
C THR A 125 -13.89 -1.72 -1.37
N THR A 126 -14.59 -0.85 -0.66
CA THR A 126 -15.32 -1.27 0.54
C THR A 126 -16.27 -2.41 0.22
N ARG A 127 -17.11 -2.24 -0.80
CA ARG A 127 -18.10 -3.25 -1.13
C ARG A 127 -17.45 -4.52 -1.65
N TYR A 128 -16.31 -4.42 -2.32
CA TYR A 128 -15.66 -5.63 -2.78
C TYR A 128 -15.17 -6.47 -1.60
N HIS A 129 -14.58 -5.83 -0.59
CA HIS A 129 -14.07 -6.57 0.56
C HIS A 129 -15.20 -7.13 1.41
N GLN A 130 -16.34 -6.43 1.46
CA GLN A 130 -17.51 -6.98 2.12
C GLN A 130 -18.00 -8.24 1.40
N GLU A 131 -18.14 -8.17 0.07
CA GLU A 131 -18.69 -9.30 -0.65
C GLU A 131 -17.70 -10.43 -0.76
N LYS A 132 -16.40 -10.12 -0.87
CA LYS A 132 -15.38 -11.17 -0.94
C LYS A 132 -15.37 -12.01 0.34
N ASN A 133 -15.73 -11.42 1.47
CA ASN A 133 -15.78 -12.13 2.73
C ASN A 133 -17.17 -12.68 3.04
N GLY A 134 -18.09 -12.67 2.06
CA GLY A 134 -19.35 -13.36 2.19
C GLY A 134 -20.56 -12.54 2.56
N ALA A 135 -20.43 -11.22 2.63
CA ALA A 135 -21.55 -10.38 3.02
C ALA A 135 -22.39 -9.99 1.81
N VAL A 136 -23.65 -9.66 2.07
CA VAL A 136 -24.52 -9.01 1.10
C VAL A 136 -24.65 -7.55 1.48
N PHE A 137 -24.31 -6.65 0.55
CA PHE A 137 -24.45 -5.23 0.81
C PHE A 137 -25.88 -4.77 0.64
N VAL A 138 -26.33 -3.94 1.59
CA VAL A 138 -27.64 -3.31 1.52
C VAL A 138 -27.45 -1.81 1.63
N ASP A 139 -28.02 -1.05 0.70
CA ASP A 139 -27.90 0.39 0.69
C ASP A 139 -29.06 0.99 1.47
N ILE A 140 -28.74 1.71 2.55
CA ILE A 140 -29.74 2.29 3.43
C ILE A 140 -29.65 3.81 3.47
N VAL A 141 -28.92 4.42 2.53
CA VAL A 141 -28.97 5.86 2.39
C VAL A 141 -30.39 6.27 1.96
N ARG A 142 -30.78 7.49 2.30
CA ARG A 142 -32.10 7.93 1.88
C ARG A 142 -32.14 8.13 0.36
N ASP A 143 -33.35 7.98 -0.21
CA ASP A 143 -33.53 7.99 -1.66
C ASP A 143 -32.96 9.25 -2.28
N GLU A 144 -33.10 10.40 -1.60
CA GLU A 144 -32.68 11.67 -2.17
C GLU A 144 -31.22 11.66 -2.58
N ALA A 145 -30.36 10.92 -1.86
CA ALA A 145 -28.94 10.92 -2.18
C ALA A 145 -28.65 10.40 -3.58
N HIS A 146 -29.61 9.72 -4.20
CA HIS A 146 -29.44 9.17 -5.53
C HIS A 146 -29.93 10.11 -6.63
N ASP A 147 -30.49 11.27 -6.28
CA ASP A 147 -30.89 12.22 -7.31
C ASP A 147 -29.87 13.34 -7.37
N ALA A 148 -29.22 13.44 -8.53
CA ALA A 148 -28.06 14.32 -8.69
C ALA A 148 -28.40 15.78 -8.43
N GLY A 149 -29.53 16.24 -8.96
CA GLY A 149 -29.89 17.64 -8.98
C GLY A 149 -30.60 18.14 -7.75
N LEU A 150 -30.98 17.24 -6.86
CA LEU A 150 -31.74 17.60 -5.67
C LEU A 150 -30.82 18.28 -4.66
N ASN A 151 -31.01 19.57 -4.45
CA ASN A 151 -30.14 20.33 -3.57
C ASN A 151 -30.72 20.31 -2.15
N ILE A 152 -30.35 19.29 -1.37
CA ILE A 152 -30.73 19.24 0.03
C ILE A 152 -29.51 18.95 0.90
N ALA A 153 -29.50 19.52 2.10
CA ALA A 153 -28.42 19.34 3.04
C ALA A 153 -28.34 17.90 3.55
N PHE A 154 -27.12 17.46 3.86
CA PHE A 154 -26.83 16.19 4.54
C PHE A 154 -27.42 15.00 3.79
N LYS A 155 -27.20 15.01 2.47
CA LYS A 155 -27.64 13.92 1.60
C LYS A 155 -27.04 12.58 2.00
N GLY A 156 -25.94 12.59 2.75
CA GLY A 156 -25.31 11.34 3.12
C GLY A 156 -26.02 10.55 4.19
N ASP A 157 -27.02 11.17 4.84
CA ASP A 157 -27.66 10.56 6.01
C ASP A 157 -28.29 9.21 5.69
N ILE A 158 -28.17 8.29 6.65
CA ILE A 158 -28.85 7.01 6.56
C ILE A 158 -30.33 7.22 6.79
N ASP A 159 -31.14 6.53 5.99
CA ASP A 159 -32.58 6.44 6.21
C ASP A 159 -32.83 5.49 7.38
N LEU A 160 -33.28 6.05 8.51
CA LEU A 160 -33.52 5.23 9.69
C LEU A 160 -34.64 4.22 9.46
N LYS A 161 -35.59 4.53 8.57
CA LYS A 161 -36.66 3.58 8.26
C LYS A 161 -36.11 2.37 7.52
N LYS A 162 -35.18 2.59 6.59
CA LYS A 162 -34.57 1.49 5.88
C LYS A 162 -33.72 0.64 6.83
N LEU A 163 -33.01 1.28 7.76
CA LEU A 163 -32.25 0.54 8.74
C LEU A 163 -33.17 -0.27 9.66
N GLN A 164 -34.26 0.35 10.11
CA GLN A 164 -35.23 -0.37 10.93
C GLN A 164 -35.81 -1.56 10.17
N LYS A 165 -36.09 -1.38 8.87
CA LYS A 165 -36.68 -2.47 8.10
C LYS A 165 -35.71 -3.63 7.95
N LEU A 166 -34.43 -3.32 7.71
CA LEU A 166 -33.44 -4.38 7.58
C LEU A 166 -33.36 -5.22 8.85
N ILE A 167 -33.36 -4.56 10.01
CA ILE A 167 -33.34 -5.25 11.29
C ILE A 167 -34.58 -6.13 11.46
N ASP A 168 -35.73 -5.63 11.02
CA ASP A 168 -36.96 -6.40 11.19
C ASP A 168 -36.98 -7.64 10.30
N GLU A 169 -36.57 -7.49 9.04
CA GLU A 169 -36.73 -8.57 8.09
C GLU A 169 -35.63 -9.61 8.19
N LYS A 170 -34.41 -9.19 8.51
CA LYS A 170 -33.27 -10.09 8.54
C LYS A 170 -32.88 -10.50 9.95
N GLY A 171 -33.15 -9.68 10.95
CA GLY A 171 -32.73 -9.99 12.30
C GLY A 171 -31.37 -9.39 12.59
N ALA A 172 -31.19 -8.89 13.81
CA ALA A 172 -29.95 -8.19 14.14
C ALA A 172 -28.73 -9.11 14.08
N GLU A 173 -28.91 -10.40 14.39
CA GLU A 173 -27.76 -11.31 14.41
C GLU A 173 -27.24 -11.61 13.02
N ASN A 174 -28.02 -11.33 11.98
CA ASN A 174 -27.61 -11.57 10.61
C ASN A 174 -26.97 -10.34 9.97
N ILE A 175 -26.74 -9.28 10.73
CA ILE A 175 -26.15 -8.06 10.24
C ILE A 175 -24.75 -7.94 10.84
N ALA A 176 -23.72 -8.03 9.98
CA ALA A 176 -22.35 -7.95 10.47
C ALA A 176 -22.10 -6.62 11.14
N TYR A 177 -22.45 -5.52 10.49
CA TYR A 177 -22.31 -4.18 11.04
C TYR A 177 -22.94 -3.19 10.07
N ILE A 178 -23.08 -1.95 10.54
CA ILE A 178 -23.45 -0.83 9.70
C ILE A 178 -22.18 -0.09 9.29
N CYS A 179 -22.07 0.24 8.02
CA CYS A 179 -20.92 0.95 7.47
C CYS A 179 -21.35 2.38 7.15
N LEU A 180 -20.97 3.33 8.01
CA LEU A 180 -21.41 4.72 7.85
C LEU A 180 -20.21 5.52 7.37
N ALA A 181 -20.27 5.99 6.13
CA ALA A 181 -19.18 6.73 5.52
C ALA A 181 -19.38 8.23 5.67
N VAL A 182 -18.29 8.95 5.94
CA VAL A 182 -18.30 10.41 6.06
C VAL A 182 -17.09 10.93 5.29
N THR A 183 -17.32 11.83 4.32
CA THR A 183 -18.55 12.06 3.59
C THR A 183 -18.89 10.83 2.78
N VAL A 184 -19.94 10.94 1.97
CA VAL A 184 -20.35 9.87 1.07
C VAL A 184 -19.84 10.20 -0.33
N ASN A 185 -18.78 9.50 -0.71
CA ASN A 185 -18.04 9.80 -1.93
C ASN A 185 -18.94 9.76 -3.16
N LEU A 186 -19.56 8.61 -3.41
CA LEU A 186 -20.28 8.44 -4.66
C LEU A 186 -21.62 9.18 -4.72
N ALA A 187 -22.13 9.72 -3.62
CA ALA A 187 -23.24 10.65 -3.73
C ALA A 187 -22.81 12.06 -4.12
N GLY A 188 -21.52 12.27 -4.34
CA GLY A 188 -21.02 13.59 -4.64
C GLY A 188 -20.18 14.19 -3.53
N GLY A 189 -19.77 13.40 -2.55
CA GLY A 189 -19.05 13.94 -1.42
C GLY A 189 -19.98 14.55 -0.40
N GLN A 190 -21.15 13.91 -0.16
CA GLN A 190 -22.22 14.54 0.62
C GLN A 190 -22.06 14.22 2.10
N PRO A 191 -22.34 15.18 2.97
CA PRO A 191 -22.08 15.00 4.40
C PRO A 191 -23.20 14.26 5.12
N VAL A 192 -22.87 13.82 6.33
CA VAL A 192 -23.79 13.16 7.25
C VAL A 192 -23.91 14.05 8.47
N SER A 193 -25.14 14.25 8.95
CA SER A 193 -25.35 15.08 10.13
C SER A 193 -25.01 14.32 11.41
N MET A 194 -24.69 15.10 12.47
CA MET A 194 -24.47 14.51 13.78
C MET A 194 -25.75 13.88 14.31
N ALA A 195 -26.89 14.51 14.03
CA ALA A 195 -28.18 13.95 14.45
C ALA A 195 -28.36 12.55 13.87
N ASN A 196 -28.01 12.37 12.60
CA ASN A 196 -28.11 11.05 11.98
C ASN A 196 -27.11 10.08 12.61
N MET A 197 -25.86 10.50 12.83
CA MET A 197 -24.90 9.61 13.48
C MET A 197 -25.38 9.22 14.87
N ARG A 198 -25.96 10.17 15.61
N ARG A 198 -26.01 10.15 15.60
CA ARG A 198 -26.56 9.86 16.90
CA ARG A 198 -26.53 9.81 16.91
C ARG A 198 -27.66 8.81 16.75
C ARG A 198 -27.72 8.86 16.82
N ALA A 199 -28.62 9.07 15.86
CA ALA A 199 -29.79 8.21 15.74
C ALA A 199 -29.40 6.80 15.31
N VAL A 200 -28.41 6.69 14.40
CA VAL A 200 -27.93 5.38 14.00
C VAL A 200 -27.28 4.66 15.17
N ARG A 201 -26.52 5.38 15.98
CA ARG A 201 -25.92 4.76 17.16
C ARG A 201 -26.98 4.23 18.12
N GLU A 202 -28.02 5.03 18.36
CA GLU A 202 -29.04 4.62 19.32
C GLU A 202 -29.80 3.39 18.82
N LEU A 203 -30.16 3.36 17.54
CA LEU A 203 -30.93 2.22 17.02
C LEU A 203 -30.08 0.96 16.91
N THR A 204 -28.81 1.10 16.53
CA THR A 204 -27.97 -0.10 16.42
C THR A 204 -27.62 -0.66 17.80
N ALA A 205 -27.31 0.21 18.76
CA ALA A 205 -26.95 -0.26 20.10
C ALA A 205 -28.09 -1.03 20.73
N ALA A 206 -29.33 -0.63 20.48
CA ALA A 206 -30.47 -1.32 21.07
C ALA A 206 -30.59 -2.75 20.58
N HIS A 207 -30.04 -3.06 19.41
CA HIS A 207 -30.05 -4.40 18.84
C HIS A 207 -28.68 -5.08 18.89
N GLY A 208 -27.71 -4.47 19.58
CA GLY A 208 -26.38 -5.02 19.66
C GLY A 208 -25.61 -5.04 18.35
N ILE A 209 -25.97 -4.17 17.39
CA ILE A 209 -25.30 -4.12 16.09
C ILE A 209 -24.14 -3.15 16.14
N LYS A 210 -23.01 -3.56 15.57
CA LYS A 210 -21.79 -2.75 15.51
C LYS A 210 -21.87 -1.72 14.40
N VAL A 211 -21.21 -0.57 14.62
CA VAL A 211 -21.18 0.51 13.64
C VAL A 211 -19.72 0.88 13.41
N PHE A 212 -19.28 0.78 12.15
CA PHE A 212 -17.91 1.14 11.77
C PHE A 212 -17.97 2.25 10.73
N TYR A 213 -17.14 3.27 10.90
CA TYR A 213 -17.19 4.42 10.03
C TYR A 213 -16.15 4.29 8.92
N ASP A 214 -16.51 4.75 7.72
CA ASP A 214 -15.47 5.04 6.72
C ASP A 214 -15.09 6.49 6.94
N ALA A 215 -13.96 6.70 7.59
CA ALA A 215 -13.56 7.99 8.12
C ALA A 215 -12.81 8.84 7.11
N THR A 216 -12.74 8.37 5.86
CA THR A 216 -11.77 8.90 4.90
C THR A 216 -11.89 10.42 4.69
N ARG A 217 -13.12 10.94 4.65
CA ARG A 217 -13.25 12.39 4.49
C ARG A 217 -14.03 12.98 5.66
N CYS A 218 -13.66 12.54 6.86
CA CYS A 218 -14.41 12.90 8.06
C CYS A 218 -14.23 14.38 8.39
N VAL A 219 -13.12 14.99 7.97
CA VAL A 219 -12.91 16.38 8.33
C VAL A 219 -13.71 17.31 7.41
N GLU A 220 -13.74 17.02 6.11
CA GLU A 220 -14.73 17.68 5.26
C GLU A 220 -16.13 17.51 5.84
N ASN A 221 -16.46 16.31 6.32
CA ASN A 221 -17.79 16.11 6.89
C ASN A 221 -18.01 17.02 8.09
N ALA A 222 -17.00 17.13 8.94
CA ALA A 222 -17.12 17.96 10.13
C ALA A 222 -17.33 19.43 9.75
N TYR A 223 -16.70 19.87 8.66
CA TYR A 223 -16.91 21.25 8.22
C TYR A 223 -18.37 21.50 7.86
N PHE A 224 -18.99 20.58 7.10
CA PHE A 224 -20.40 20.75 6.77
C PHE A 224 -21.27 20.81 8.04
N ILE A 225 -20.90 20.08 9.08
CA ILE A 225 -21.67 20.11 10.31
C ILE A 225 -21.56 21.48 10.97
N LYS A 226 -20.34 21.98 11.09
CA LYS A 226 -20.11 23.33 11.62
C LYS A 226 -20.83 24.38 10.80
N GLU A 227 -20.84 24.22 9.47
CA GLU A 227 -21.41 25.27 8.64
C GLU A 227 -22.93 25.27 8.67
N GLN A 228 -23.55 24.10 8.73
CA GLN A 228 -24.97 23.98 8.39
C GLN A 228 -25.86 23.31 9.42
N GLU A 229 -25.33 22.61 10.40
CA GLU A 229 -26.18 21.89 11.34
C GLU A 229 -26.40 22.78 12.55
N GLN A 230 -27.66 22.99 12.89
CA GLN A 230 -28.04 23.87 13.99
C GLN A 230 -27.36 23.44 15.28
N GLY A 231 -26.79 24.41 16.00
CA GLY A 231 -26.13 24.14 17.26
C GLY A 231 -24.64 23.87 17.18
N PHE A 232 -24.08 23.68 16.00
CA PHE A 232 -22.66 23.36 15.90
C PHE A 232 -21.81 24.54 15.45
N GLU A 233 -22.41 25.72 15.28
CA GLU A 233 -21.71 26.85 14.68
C GLU A 233 -20.54 27.35 15.54
N ASN A 234 -20.55 27.09 16.83
CA ASN A 234 -19.49 27.55 17.72
C ASN A 234 -18.62 26.41 18.23
N LYS A 235 -18.76 25.21 17.65
CA LYS A 235 -17.89 24.11 18.02
C LYS A 235 -16.72 24.06 17.07
N SER A 236 -15.57 23.65 17.59
CA SER A 236 -14.39 23.55 16.75
C SER A 236 -14.47 22.31 15.86
N ILE A 237 -13.70 22.32 14.77
CA ILE A 237 -13.65 21.14 13.91
C ILE A 237 -13.23 19.91 14.71
N ALA A 238 -12.18 20.05 15.54
CA ALA A 238 -11.71 18.95 16.38
C ALA A 238 -12.82 18.42 17.28
N GLU A 239 -13.56 19.31 17.93
CA GLU A 239 -14.67 18.87 18.79
C GLU A 239 -15.73 18.11 18.01
N ILE A 240 -16.06 18.59 16.81
CA ILE A 240 -17.07 17.91 16.00
C ILE A 240 -16.56 16.53 15.60
N VAL A 241 -15.33 16.45 15.10
CA VAL A 241 -14.74 15.16 14.72
C VAL A 241 -14.74 14.19 15.90
N HIS A 242 -14.35 14.66 17.08
CA HIS A 242 -14.31 13.75 18.22
C HIS A 242 -15.71 13.28 18.58
N GLU A 243 -16.69 14.18 18.54
CA GLU A 243 -18.06 13.73 18.82
C GLU A 243 -18.58 12.80 17.72
N MET A 244 -18.27 13.09 16.44
CA MET A 244 -18.70 12.17 15.39
C MET A 244 -18.29 10.73 15.73
N PHE A 245 -17.03 10.52 16.08
CA PHE A 245 -16.59 9.14 16.24
C PHE A 245 -17.04 8.52 17.56
N SER A 246 -17.60 9.32 18.48
CA SER A 246 -18.17 8.74 19.69
C SER A 246 -19.39 7.86 19.41
N TYR A 247 -19.95 7.95 18.20
CA TYR A 247 -21.11 7.15 17.86
C TYR A 247 -20.74 5.90 17.05
N ALA A 248 -19.48 5.50 17.07
CA ALA A 248 -18.97 4.41 16.26
C ALA A 248 -18.18 3.43 17.12
N ASP A 249 -18.12 2.19 16.68
CA ASP A 249 -17.32 1.15 17.33
C ASP A 249 -15.91 1.06 16.77
N GLY A 250 -15.63 1.78 15.70
CA GLY A 250 -14.34 1.71 15.05
C GLY A 250 -14.43 2.45 13.75
N CYS A 251 -13.31 2.45 13.02
CA CYS A 251 -13.32 3.08 11.72
C CYS A 251 -12.21 2.50 10.87
N THR A 252 -12.39 2.65 9.55
CA THR A 252 -11.32 2.53 8.57
C THR A 252 -11.03 3.92 8.03
N MET A 253 -9.76 4.19 7.79
CA MET A 253 -9.36 5.53 7.38
C MET A 253 -8.32 5.42 6.28
N SER A 254 -8.56 6.06 5.16
CA SER A 254 -7.49 6.36 4.21
C SER A 254 -6.89 7.71 4.54
N GLY A 255 -5.75 7.71 5.23
CA GLY A 255 -5.02 8.94 5.47
C GLY A 255 -4.77 9.73 4.20
N LYS A 256 -4.75 9.04 3.06
CA LYS A 256 -4.52 9.65 1.76
C LYS A 256 -5.55 10.71 1.43
N LYS A 257 -6.67 10.74 2.14
CA LYS A 257 -7.58 11.85 1.92
C LYS A 257 -7.35 12.89 3.00
N ASP A 258 -8.16 12.88 4.05
CA ASP A 258 -8.20 14.04 4.94
C ASP A 258 -7.02 14.12 5.90
N CYS A 259 -6.09 13.15 5.94
CA CYS A 259 -4.88 13.32 6.73
C CYS A 259 -3.78 14.04 5.97
N LEU A 260 -4.08 14.54 4.78
CA LEU A 260 -3.16 15.43 4.05
C LEU A 260 -1.82 14.78 3.76
N VAL A 261 -1.85 13.50 3.35
CA VAL A 261 -0.60 12.80 3.03
C VAL A 261 -0.74 12.10 1.69
N ASN A 262 0.37 11.51 1.25
CA ASN A 262 0.47 10.88 -0.07
C ASN A 262 0.36 9.37 0.01
N ILE A 263 0.37 8.81 1.21
CA ILE A 263 0.26 7.37 1.45
C ILE A 263 -0.12 7.22 2.91
N GLY A 264 -0.83 6.14 3.24
CA GLY A 264 -1.11 5.84 4.63
C GLY A 264 -2.59 5.73 4.98
N GLY A 265 -2.88 5.01 6.06
CA GLY A 265 -4.23 4.77 6.52
C GLY A 265 -4.16 3.98 7.81
N PHE A 266 -5.33 3.69 8.38
CA PHE A 266 -5.30 2.91 9.62
C PHE A 266 -6.70 2.36 9.89
N LEU A 267 -6.74 1.45 10.85
CA LEU A 267 -7.96 0.82 11.35
C LEU A 267 -8.07 1.12 12.83
N CYS A 268 -9.23 1.61 13.26
CA CYS A 268 -9.47 1.88 14.67
C CYS A 268 -10.58 1.01 15.21
N MET A 269 -10.47 0.65 16.48
CA MET A 269 -11.58 -0.04 17.11
C MET A 269 -11.43 0.12 18.61
N ASN A 270 -12.54 -0.07 19.31
CA ASN A 270 -12.53 -0.03 20.77
C ASN A 270 -12.43 -1.42 21.40
N ASP A 271 -12.85 -2.47 20.71
CA ASP A 271 -12.94 -3.81 21.29
C ASP A 271 -11.56 -4.48 21.38
N ASP A 272 -11.24 -5.00 22.57
CA ASP A 272 -9.93 -5.62 22.80
C ASP A 272 -9.75 -6.88 21.95
N GLU A 273 -10.76 -7.74 21.89
CA GLU A 273 -10.59 -9.00 21.16
C GLU A 273 -10.46 -8.75 19.67
N MET A 274 -11.20 -7.78 19.14
CA MET A 274 -11.04 -7.46 17.73
C MET A 274 -9.66 -6.88 17.44
N PHE A 275 -9.14 -6.07 18.36
CA PHE A 275 -7.80 -5.53 18.19
C PHE A 275 -6.75 -6.63 18.19
N SER A 276 -6.88 -7.61 19.08
CA SER A 276 -5.96 -8.75 19.10
C SER A 276 -6.00 -9.52 17.78
N SER A 277 -7.20 -9.76 17.27
CA SER A 277 -7.33 -10.44 15.99
C SER A 277 -6.78 -9.58 14.86
N ALA A 278 -6.97 -8.26 14.96
CA ALA A 278 -6.46 -7.36 13.94
C ALA A 278 -4.94 -7.39 13.87
N LYS A 279 -4.28 -7.53 15.01
CA LYS A 279 -2.82 -7.56 15.00
C LYS A 279 -2.29 -8.83 14.36
N GLU A 280 -2.98 -9.96 14.55
CA GLU A 280 -2.59 -11.19 13.85
C GLU A 280 -2.72 -11.03 12.35
N LEU A 281 -3.79 -10.40 11.90
CA LEU A 281 -4.09 -10.33 10.48
C LEU A 281 -3.25 -9.28 9.78
N VAL A 282 -2.87 -8.20 10.47
CA VAL A 282 -2.10 -7.16 9.80
C VAL A 282 -0.72 -7.66 9.42
N VAL A 283 -0.18 -8.61 10.18
CA VAL A 283 1.15 -9.15 9.90
C VAL A 283 1.14 -9.90 8.58
N VAL A 284 -0.01 -10.48 8.22
CA VAL A 284 -0.11 -11.26 7.00
C VAL A 284 -0.06 -10.35 5.78
N TYR A 285 -0.78 -9.24 5.83
CA TYR A 285 -1.05 -8.44 4.64
C TYR A 285 -0.29 -7.14 4.58
N GLU A 286 0.02 -6.53 5.73
CA GLU A 286 0.56 -5.17 5.77
C GLU A 286 1.95 -5.11 6.36
N GLY A 287 2.15 -5.70 7.53
CA GLY A 287 3.38 -5.60 8.28
C GLY A 287 3.07 -5.71 9.76
N MET A 288 4.11 -5.57 10.58
CA MET A 288 3.95 -5.67 12.02
C MET A 288 3.00 -4.57 12.49
N PRO A 289 2.23 -4.79 13.57
CA PRO A 289 1.30 -3.76 14.02
C PRO A 289 1.95 -2.43 14.36
N SER A 290 3.27 -2.40 14.47
CA SER A 290 4.00 -1.21 14.84
C SER A 290 4.41 -0.37 13.64
N TYR A 291 3.96 -0.72 12.43
CA TYR A 291 4.19 0.14 11.26
C TYR A 291 3.18 -0.13 10.15
N GLY A 292 2.55 -1.32 10.13
CA GLY A 292 1.43 -1.53 9.23
C GLY A 292 1.70 -1.28 7.76
N GLY A 293 2.92 -1.53 7.31
CA GLY A 293 3.21 -1.29 5.90
C GLY A 293 3.55 0.14 5.56
N LEU A 294 3.82 0.98 6.55
CA LEU A 294 4.28 2.35 6.34
C LEU A 294 5.71 2.54 6.81
N ALA A 295 6.46 3.37 6.10
CA ALA A 295 7.73 3.83 6.63
C ALA A 295 7.44 4.69 7.86
N GLY A 296 8.38 4.71 8.78
CA GLY A 296 8.22 5.57 9.95
C GLY A 296 7.92 7.01 9.58
N ARG A 297 8.63 7.55 8.57
CA ARG A 297 8.39 8.92 8.20
C ARG A 297 6.95 9.15 7.73
N ASP A 298 6.27 8.12 7.18
CA ASP A 298 4.89 8.34 6.76
C ASP A 298 3.90 8.25 7.90
N MET A 299 4.17 7.45 8.92
CA MET A 299 3.33 7.53 10.12
C MET A 299 3.44 8.91 10.75
N GLU A 300 4.64 9.50 10.70
CA GLU A 300 4.86 10.86 11.23
C GLU A 300 4.12 11.89 10.41
N ALA A 301 4.25 11.85 9.08
CA ALA A 301 3.54 12.80 8.24
C ALA A 301 2.03 12.73 8.47
N MET A 302 1.52 11.54 8.69
CA MET A 302 0.07 11.37 8.78
C MET A 302 -0.43 11.83 10.14
N ALA A 303 0.35 11.60 11.19
CA ALA A 303 0.01 12.14 12.50
C ALA A 303 0.02 13.67 12.48
N ILE A 304 1.02 14.26 11.85
CA ILE A 304 1.06 15.71 11.75
C ILE A 304 -0.08 16.22 10.87
N GLY A 305 -0.35 15.52 9.77
CA GLY A 305 -1.37 15.99 8.84
C GLY A 305 -2.76 15.93 9.43
N LEU A 306 -3.07 14.86 10.18
CA LEU A 306 -4.42 14.77 10.74
C LEU A 306 -4.68 15.96 11.65
N ARG A 307 -3.66 16.36 12.40
CA ARG A 307 -3.83 17.49 13.29
C ARG A 307 -3.95 18.82 12.52
N GLU A 308 -3.19 18.98 11.42
CA GLU A 308 -3.32 20.20 10.61
C GLU A 308 -4.73 20.31 10.04
N ALA A 309 -5.33 19.17 9.68
CA ALA A 309 -6.65 19.14 9.08
C ALA A 309 -7.70 19.73 9.99
N MET A 310 -7.46 19.74 11.31
CA MET A 310 -8.41 20.31 12.25
CA MET A 310 -8.39 20.31 12.28
C MET A 310 -8.45 21.83 12.23
N GLN A 311 -7.53 22.49 11.52
CA GLN A 311 -7.56 23.95 11.47
C GLN A 311 -8.76 24.42 10.66
N TYR A 312 -9.66 25.19 11.30
CA TYR A 312 -10.88 25.64 10.63
C TYR A 312 -10.56 26.33 9.31
N GLU A 313 -9.60 27.25 9.32
CA GLU A 313 -9.41 28.05 8.12
C GLU A 313 -8.95 27.18 6.97
N TYR A 314 -8.20 26.12 7.28
CA TYR A 314 -7.73 25.21 6.23
C TYR A 314 -8.92 24.50 5.59
N ILE A 315 -9.79 23.91 6.42
CA ILE A 315 -10.84 23.07 5.85
C ILE A 315 -11.95 23.94 5.24
N GLU A 316 -12.22 25.12 5.81
CA GLU A 316 -13.14 26.06 5.17
C GLU A 316 -12.66 26.40 3.77
N HIS A 317 -11.36 26.69 3.64
CA HIS A 317 -10.88 27.04 2.31
C HIS A 317 -10.94 25.83 1.38
N ARG A 318 -10.56 24.67 1.90
CA ARG A 318 -10.59 23.43 1.12
C ARG A 318 -11.96 23.25 0.51
N VAL A 319 -13.01 23.26 1.34
CA VAL A 319 -14.37 23.04 0.87
C VAL A 319 -14.84 24.16 -0.05
N LYS A 320 -14.50 25.43 0.26
CA LYS A 320 -15.02 26.52 -0.55
C LYS A 320 -14.32 26.66 -1.88
N GLN A 321 -13.08 26.19 -1.96
CA GLN A 321 -12.41 26.13 -3.25
C GLN A 321 -13.17 25.20 -4.19
N VAL A 322 -13.57 24.02 -3.70
CA VAL A 322 -14.42 23.11 -4.48
C VAL A 322 -15.72 23.79 -4.84
N ARG A 323 -16.34 24.46 -3.87
CA ARG A 323 -17.62 25.12 -4.11
C ARG A 323 -17.48 26.22 -5.17
N TYR A 324 -16.36 26.95 -5.17
CA TYR A 324 -16.14 27.96 -6.20
C TYR A 324 -16.21 27.36 -7.60
N LEU A 325 -15.58 26.20 -7.78
CA LEU A 325 -15.62 25.53 -9.08
C LEU A 325 -17.06 25.15 -9.44
N GLY A 326 -17.79 24.57 -8.49
CA GLY A 326 -19.17 24.25 -8.76
C GLY A 326 -20.03 25.47 -9.03
N ASP A 327 -19.81 26.54 -8.27
CA ASP A 327 -20.60 27.76 -8.45
C ASP A 327 -20.37 28.36 -9.83
N LYS A 328 -19.14 28.31 -10.33
CA LYS A 328 -18.87 28.90 -11.62
C LYS A 328 -19.48 28.05 -12.75
N LEU A 329 -19.42 26.72 -12.61
CA LEU A 329 -20.03 25.84 -13.58
C LEU A 329 -21.55 25.97 -13.58
N LYS A 330 -22.14 26.06 -12.38
CA LYS A 330 -23.59 26.15 -12.30
C LYS A 330 -24.10 27.51 -12.82
N ALA A 331 -23.35 28.58 -12.58
CA ALA A 331 -23.77 29.88 -13.08
C ALA A 331 -23.78 29.92 -14.60
N ALA A 332 -23.04 29.02 -15.25
CA ALA A 332 -23.02 28.97 -16.71
C ALA A 332 -23.94 27.91 -17.28
N GLY A 333 -24.73 27.25 -16.44
CA GLY A 333 -25.69 26.27 -16.90
C GLY A 333 -25.16 24.87 -17.05
N VAL A 334 -23.93 24.60 -16.62
CA VAL A 334 -23.31 23.28 -16.68
C VAL A 334 -23.95 22.38 -15.64
N PRO A 335 -24.54 21.25 -16.04
CA PRO A 335 -25.24 20.40 -15.06
C PRO A 335 -24.26 19.66 -14.16
N ILE A 336 -24.47 19.79 -12.86
CA ILE A 336 -23.61 19.20 -11.86
C ILE A 336 -24.48 18.50 -10.82
N VAL A 337 -23.84 17.62 -10.05
CA VAL A 337 -24.43 17.11 -8.83
C VAL A 337 -24.52 18.23 -7.82
N GLU A 338 -25.67 18.34 -7.14
CA GLU A 338 -25.85 19.33 -6.11
C GLU A 338 -26.36 18.70 -4.82
N PRO A 339 -26.02 19.28 -3.66
CA PRO A 339 -25.06 20.37 -3.47
C PRO A 339 -23.65 19.88 -3.75
N VAL A 340 -22.76 20.84 -4.00
CA VAL A 340 -21.36 20.51 -4.22
C VAL A 340 -20.80 19.88 -2.95
N GLY A 341 -20.10 18.77 -3.10
CA GLY A 341 -19.57 18.04 -1.97
C GLY A 341 -18.26 18.61 -1.46
N GLY A 342 -17.64 17.87 -0.54
CA GLY A 342 -16.44 18.36 0.10
C GLY A 342 -15.18 18.30 -0.73
N HIS A 343 -15.09 17.37 -1.69
CA HIS A 343 -13.79 17.07 -2.29
C HIS A 343 -13.75 17.20 -3.81
N ALA A 344 -14.86 17.43 -4.48
CA ALA A 344 -14.97 17.28 -5.93
C ALA A 344 -16.26 17.90 -6.42
N VAL A 345 -16.24 18.28 -7.69
CA VAL A 345 -17.46 18.63 -8.41
C VAL A 345 -17.75 17.46 -9.34
N PHE A 346 -19.00 17.03 -9.37
N PHE A 346 -19.00 17.05 -9.41
CA PHE A 346 -19.45 15.94 -10.23
CA PHE A 346 -19.40 15.87 -10.16
C PHE A 346 -20.30 16.55 -11.34
C PHE A 346 -20.26 16.35 -11.33
N LEU A 347 -19.77 16.53 -12.56
N LEU A 347 -19.66 16.39 -12.51
CA LEU A 347 -20.62 16.85 -13.70
CA LEU A 347 -20.41 16.70 -13.72
C LEU A 347 -21.67 15.76 -13.88
C LEU A 347 -21.40 15.59 -14.01
N ASP A 348 -22.91 16.17 -14.17
N ASP A 348 -22.69 15.93 -14.06
CA ASP A 348 -23.99 15.22 -14.43
CA ASP A 348 -23.71 14.93 -14.38
C ASP A 348 -23.88 14.75 -15.87
C ASP A 348 -23.59 14.55 -15.85
N ALA A 349 -23.26 13.59 -16.06
N ALA A 349 -23.09 13.34 -16.11
CA ALA A 349 -23.02 13.07 -17.40
CA ALA A 349 -22.87 12.90 -17.48
C ALA A 349 -24.32 12.74 -18.13
C ALA A 349 -24.18 12.72 -18.23
N ARG A 350 -25.37 12.40 -17.39
N ARG A 350 -25.28 12.45 -17.51
CA ARG A 350 -26.67 12.13 -18.01
CA ARG A 350 -26.57 12.24 -18.15
C ARG A 350 -27.21 13.36 -18.73
C ARG A 350 -27.03 13.52 -18.85
N ARG A 351 -27.03 14.54 -18.13
N ARG A 351 -27.11 14.63 -18.12
CA ARG A 351 -27.49 15.79 -18.73
CA ARG A 351 -27.60 15.88 -18.69
C ARG A 351 -26.46 16.39 -19.68
C ARG A 351 -26.56 16.54 -19.58
N PHE A 352 -25.18 16.28 -19.36
N PHE A 352 -25.27 16.41 -19.26
CA PHE A 352 -24.15 16.67 -20.31
CA PHE A 352 -24.24 17.02 -20.09
C PHE A 352 -24.26 15.85 -21.58
C PHE A 352 -24.26 16.45 -21.51
N CYS A 353 -24.45 14.53 -21.45
N CYS A 353 -24.57 15.18 -21.66
CA CYS A 353 -24.60 13.64 -22.61
CA CYS A 353 -24.50 14.51 -22.95
C CYS A 353 -25.99 13.03 -22.68
C CYS A 353 -25.89 14.01 -23.32
N GLU A 354 -27.03 13.87 -22.79
N GLU A 354 -26.56 14.76 -24.20
CA GLU A 354 -28.40 13.38 -22.87
CA GLU A 354 -27.86 14.37 -24.70
C GLU A 354 -28.66 12.56 -24.13
C GLU A 354 -27.88 14.12 -26.21
N HIS A 355 -27.90 12.79 -25.20
N HIS A 355 -27.07 14.85 -26.98
CA HIS A 355 -28.00 12.01 -26.43
CA HIS A 355 -26.94 14.54 -28.40
C HIS A 355 -27.53 10.57 -26.26
C HIS A 355 -26.14 13.27 -28.65
N LEU A 356 -26.97 10.21 -25.10
N LEU A 356 -25.50 12.72 -27.62
CA LEU A 356 -26.43 8.90 -24.85
CA LEU A 356 -24.83 11.43 -27.68
C LEU A 356 -27.24 8.18 -23.77
C LEU A 356 -25.58 10.42 -26.84
N THR A 357 -27.37 6.86 -23.93
N THR A 357 -25.54 9.16 -27.26
CA THR A 357 -27.89 6.02 -22.87
CA THR A 357 -26.19 8.09 -26.50
C THR A 357 -26.75 5.57 -21.96
C THR A 357 -25.24 7.53 -25.46
N GLN A 358 -27.11 5.16 -20.73
N GLN A 358 -25.80 6.71 -24.56
CA GLN A 358 -26.09 4.75 -19.76
CA GLN A 358 -24.98 6.13 -23.49
C GLN A 358 -25.34 3.51 -20.21
C GLN A 358 -23.97 5.14 -24.04
N ASP A 359 -25.91 2.71 -21.11
N ASP A 359 -24.27 4.53 -25.19
CA ASP A 359 -25.18 1.58 -21.68
CA ASP A 359 -23.33 3.60 -25.82
C ASP A 359 -24.12 2.02 -22.68
C ASP A 359 -22.14 4.34 -26.44
N GLU A 360 -24.16 3.27 -23.13
N GLU A 360 -22.25 5.65 -26.66
CA GLU A 360 -23.10 3.85 -23.93
CA GLU A 360 -21.16 6.45 -27.19
C GLU A 360 -22.05 4.55 -23.08
C GLU A 360 -20.21 6.94 -26.12
N PHE A 361 -22.11 4.34 -21.76
N PHE A 361 -20.30 6.37 -24.91
CA PHE A 361 -21.13 4.86 -20.81
CA PHE A 361 -19.37 6.59 -23.81
C PHE A 361 -20.82 6.35 -20.99
C PHE A 361 -19.26 8.07 -23.50
N PRO A 362 -21.84 7.23 -20.84
N PRO A 362 -20.38 8.72 -23.12
CA PRO A 362 -21.60 8.66 -21.05
CA PRO A 362 -20.40 10.17 -23.05
C PRO A 362 -20.61 9.26 -20.07
C PRO A 362 -19.53 10.74 -21.92
N ALA A 363 -20.55 8.74 -18.84
N ALA A 363 -19.40 10.03 -20.81
CA ALA A 363 -19.59 9.24 -17.87
CA ALA A 363 -18.50 10.49 -19.75
C ALA A 363 -18.16 8.93 -18.30
C ALA A 363 -17.05 10.47 -20.22
N GLN A 364 -17.89 7.66 -18.65
N GLN A 364 -16.67 9.45 -21.00
CA GLN A 364 -16.56 7.32 -19.15
CA GLN A 364 -15.28 9.33 -21.42
C GLN A 364 -16.21 8.17 -20.36
C GLN A 364 -14.89 10.47 -22.36
N SER A 365 -17.17 8.34 -21.27
N SER A 365 -15.75 10.78 -23.34
CA SER A 365 -16.91 9.07 -22.50
CA SER A 365 -15.45 11.86 -24.27
C SER A 365 -16.67 10.55 -22.23
C SER A 365 -15.49 13.21 -23.58
N LEU A 366 -17.41 11.12 -21.29
N LEU A 366 -16.46 13.40 -22.67
CA LEU A 366 -17.23 12.53 -20.98
CA LEU A 366 -16.50 14.58 -21.83
C LEU A 366 -15.85 12.81 -20.39
C LEU A 366 -15.15 14.81 -21.16
N ALA A 367 -15.35 11.89 -19.56
N ALA A 367 -14.68 13.81 -20.42
CA ALA A 367 -14.03 12.11 -18.96
CA ALA A 367 -13.36 13.89 -19.79
C ALA A 367 -12.93 12.08 -20.02
C ALA A 367 -12.26 14.00 -20.83
N ALA A 368 -13.04 11.18 -20.99
N ALA A 368 -12.41 13.34 -21.97
CA ALA A 368 -12.09 11.18 -22.10
CA ALA A 368 -11.39 13.46 -23.02
C ALA A 368 -12.13 12.51 -22.85
C ALA A 368 -11.25 14.91 -23.46
N SER A 369 -13.34 12.97 -23.20
N SER A 369 -12.37 15.55 -23.82
CA SER A 369 -13.47 14.19 -24.00
CA SER A 369 -12.31 16.91 -24.31
C SER A 369 -13.01 15.43 -23.24
C SER A 369 -11.87 17.89 -23.21
N ILE A 370 -13.21 15.45 -21.92
N ILE A 370 -12.29 17.64 -21.97
CA ILE A 370 -12.66 16.53 -21.10
CA ILE A 370 -11.82 18.45 -20.84
C ILE A 370 -11.14 16.58 -21.23
C ILE A 370 -10.31 18.36 -20.74
N TYR A 371 -10.49 15.42 -21.15
N TYR A 371 -9.76 17.17 -20.97
CA TYR A 371 -9.05 15.41 -21.31
CA TYR A 371 -8.32 16.94 -21.02
C TYR A 371 -8.66 15.89 -22.70
C TYR A 371 -7.69 17.40 -22.33
N VAL A 372 -9.32 15.38 -23.74
N VAL A 372 -8.48 17.72 -23.35
CA VAL A 372 -8.91 15.69 -25.10
CA VAL A 372 -7.94 18.20 -24.62
C VAL A 372 -8.97 17.19 -25.36
C VAL A 372 -8.01 19.73 -24.71
N GLU A 373 -10.05 17.84 -24.93
N GLU A 373 -9.20 20.30 -24.46
CA GLU A 373 -10.25 19.26 -25.21
CA GLU A 373 -9.33 21.74 -24.59
C GLU A 373 -9.62 20.18 -24.16
C GLU A 373 -8.69 22.46 -23.42
N THR A 374 -9.18 19.66 -23.03
N THR A 374 -8.55 21.79 -22.29
CA THR A 374 -8.67 20.50 -21.95
CA THR A 374 -7.95 22.38 -21.11
C THR A 374 -7.33 20.07 -21.38
C THR A 374 -6.80 21.54 -20.55
N GLY A 375 -6.95 18.80 -21.49
N GLY A 375 -6.81 20.23 -20.75
CA GLY A 375 -5.79 18.29 -20.77
CA GLY A 375 -5.76 19.38 -20.22
C GLY A 375 -6.00 18.11 -19.27
C GLY A 375 -6.06 18.72 -18.89
N VAL A 376 -7.13 18.55 -18.72
N VAL A 376 -7.29 18.83 -18.40
CA VAL A 376 -7.46 18.24 -17.34
CA VAL A 376 -7.62 18.34 -17.06
C VAL A 376 -7.90 16.79 -17.26
C VAL A 376 -8.00 16.87 -17.12
N ARG A 377 -7.40 16.07 -16.25
CA ARG A 377 -7.85 14.71 -16.03
C ARG A 377 -8.95 14.69 -14.99
N SER A 378 -10.01 13.91 -15.26
CA SER A 378 -11.12 13.66 -14.36
C SER A 378 -11.43 12.16 -14.35
N MET A 379 -12.29 11.71 -13.43
CA MET A 379 -12.58 10.29 -13.23
C MET A 379 -14.05 9.93 -13.52
N GLU A 380 -14.25 8.78 -14.20
CA GLU A 380 -15.58 8.18 -14.34
C GLU A 380 -16.14 7.76 -12.98
N ARG A 381 -17.41 8.10 -12.73
CA ARG A 381 -18.09 7.75 -11.49
C ARG A 381 -19.55 7.41 -11.81
N GLY A 382 -19.73 6.37 -12.61
CA GLY A 382 -21.06 5.92 -12.97
C GLY A 382 -21.10 4.42 -13.11
N ILE A 383 -21.67 3.94 -14.24
CA ILE A 383 -21.94 2.52 -14.42
C ILE A 383 -20.65 1.70 -14.48
N ILE A 384 -19.57 2.26 -15.04
CA ILE A 384 -18.31 1.53 -15.11
C ILE A 384 -17.77 1.26 -13.71
N SER A 385 -17.80 2.27 -12.84
CA SER A 385 -17.34 2.11 -11.46
C SER A 385 -18.26 1.17 -10.67
N ALA A 386 -19.56 1.17 -10.96
CA ALA A 386 -20.53 0.40 -10.18
C ALA A 386 -20.37 -1.10 -10.36
N GLY A 387 -19.58 -1.56 -11.32
CA GLY A 387 -19.32 -2.97 -11.47
C GLY A 387 -20.56 -3.73 -11.91
N ARG A 388 -20.45 -5.05 -11.84
CA ARG A 388 -21.54 -5.95 -12.25
C ARG A 388 -22.14 -6.66 -11.03
N ASN A 389 -23.44 -6.94 -11.14
CA ASN A 389 -24.10 -7.77 -10.15
C ASN A 389 -23.47 -9.16 -10.14
N ASN A 390 -23.01 -9.60 -8.97
CA ASN A 390 -22.31 -10.88 -8.86
C ASN A 390 -23.25 -12.08 -8.89
N VAL A 391 -24.54 -11.89 -9.23
CA VAL A 391 -25.51 -12.96 -9.35
C VAL A 391 -26.04 -13.07 -10.79
N THR A 392 -26.39 -11.94 -11.39
CA THR A 392 -26.95 -11.93 -12.74
C THR A 392 -25.93 -11.66 -13.82
N GLY A 393 -24.80 -11.02 -13.50
CA GLY A 393 -23.81 -10.67 -14.49
C GLY A 393 -24.11 -9.43 -15.30
N GLU A 394 -25.15 -8.67 -14.95
CA GLU A 394 -25.51 -7.43 -15.61
C GLU A 394 -24.81 -6.25 -14.93
N HIS A 395 -24.81 -5.11 -15.62
CA HIS A 395 -24.30 -3.88 -15.01
C HIS A 395 -25.15 -3.52 -13.79
N HIS A 396 -24.49 -3.16 -12.70
CA HIS A 396 -25.17 -2.31 -11.72
C HIS A 396 -25.50 -1.00 -12.41
N ARG A 397 -26.73 -0.53 -12.25
CA ARG A 397 -27.19 0.67 -12.94
C ARG A 397 -27.49 1.79 -11.95
N PRO A 398 -26.52 2.63 -11.61
CA PRO A 398 -26.80 3.73 -10.69
C PRO A 398 -27.45 4.90 -11.40
N LYS A 399 -28.34 5.59 -10.67
CA LYS A 399 -28.90 6.83 -11.17
C LYS A 399 -27.84 7.90 -11.36
N LEU A 400 -26.82 7.91 -10.49
CA LEU A 400 -25.73 8.88 -10.59
C LEU A 400 -24.72 8.39 -11.62
N GLU A 401 -24.79 8.95 -12.82
CA GLU A 401 -23.79 8.76 -13.87
C GLU A 401 -23.02 10.08 -14.00
N THR A 402 -21.83 10.13 -13.39
CA THR A 402 -21.14 11.39 -13.16
C THR A 402 -19.69 11.31 -13.58
N VAL A 403 -19.10 12.49 -13.81
CA VAL A 403 -17.68 12.68 -14.10
C VAL A 403 -17.11 13.58 -13.02
N ARG A 404 -16.11 13.08 -12.31
CA ARG A 404 -15.63 13.70 -11.08
C ARG A 404 -14.42 14.59 -11.37
N LEU A 405 -14.53 15.87 -10.99
CA LEU A 405 -13.40 16.80 -10.93
C LEU A 405 -12.96 16.85 -9.46
N THR A 406 -11.92 16.11 -9.13
CA THR A 406 -11.53 15.83 -7.76
C THR A 406 -10.36 16.71 -7.39
N ILE A 407 -10.46 17.42 -6.28
CA ILE A 407 -9.50 18.47 -5.95
C ILE A 407 -8.56 17.94 -4.87
N PRO A 408 -7.28 17.69 -5.19
CA PRO A 408 -6.28 17.45 -4.15
C PRO A 408 -6.20 18.63 -3.21
N ARG A 409 -5.88 18.34 -1.96
CA ARG A 409 -5.82 19.36 -0.92
C ARG A 409 -4.53 20.15 -1.02
N ARG A 410 -4.65 21.48 -1.07
CA ARG A 410 -3.58 22.44 -0.97
C ARG A 410 -2.66 22.44 -2.20
N VAL A 411 -3.16 22.01 -3.36
CA VAL A 411 -2.33 21.88 -4.56
C VAL A 411 -2.63 22.96 -5.58
N TYR A 412 -3.90 23.29 -5.77
CA TYR A 412 -4.32 24.21 -6.83
C TYR A 412 -4.90 25.50 -6.26
N THR A 413 -5.00 26.51 -7.11
CA THR A 413 -5.49 27.84 -6.78
C THR A 413 -6.87 28.06 -7.42
N TYR A 414 -7.53 29.18 -7.06
CA TYR A 414 -8.75 29.59 -7.77
C TYR A 414 -8.50 29.84 -9.24
N ALA A 415 -7.31 30.33 -9.59
CA ALA A 415 -7.01 30.55 -11.00
C ALA A 415 -6.99 29.22 -11.76
N HIS A 416 -6.49 28.16 -11.12
CA HIS A 416 -6.57 26.83 -11.71
C HIS A 416 -8.02 26.38 -11.82
N MET A 417 -8.85 26.67 -10.81
CA MET A 417 -10.27 26.38 -10.91
C MET A 417 -10.92 27.14 -12.06
N ASP A 418 -10.50 28.39 -12.30
CA ASP A 418 -11.03 29.14 -13.44
C ASP A 418 -10.68 28.46 -14.75
N VAL A 419 -9.45 27.96 -14.87
CA VAL A 419 -9.03 27.27 -16.09
C VAL A 419 -9.89 26.05 -16.33
N VAL A 420 -10.05 25.22 -15.30
CA VAL A 420 -10.94 24.06 -15.39
C VAL A 420 -12.34 24.51 -15.81
N ALA A 421 -12.94 25.43 -15.06
CA ALA A 421 -14.31 25.85 -15.34
C ALA A 421 -14.44 26.38 -16.77
N ASP A 422 -13.52 27.26 -17.19
CA ASP A 422 -13.62 27.84 -18.52
C ASP A 422 -13.56 26.77 -19.62
N GLY A 423 -12.72 25.75 -19.42
CA GLY A 423 -12.61 24.69 -20.41
C GLY A 423 -13.83 23.79 -20.45
N ILE A 424 -14.44 23.52 -19.30
CA ILE A 424 -15.66 22.73 -19.28
C ILE A 424 -16.82 23.50 -19.87
N ILE A 425 -16.88 24.80 -19.59
CA ILE A 425 -17.95 25.64 -20.09
C ILE A 425 -17.92 25.69 -21.62
N LYS A 426 -16.71 25.72 -22.21
CA LYS A 426 -16.61 25.75 -23.67
C LYS A 426 -17.01 24.40 -24.26
N LEU A 427 -16.50 23.31 -23.68
CA LEU A 427 -16.97 21.99 -24.09
C LEU A 427 -18.48 21.85 -23.96
N TYR A 428 -19.11 22.53 -23.00
N TYR A 428 -19.12 22.68 -23.13
CA TYR A 428 -20.54 22.32 -22.81
CA TYR A 428 -20.57 22.75 -22.98
C TYR A 428 -21.32 22.71 -24.05
C TYR A 428 -21.20 23.92 -23.75
N GLN A 429 -20.81 23.65 -24.82
N GLN A 429 -20.52 25.07 -23.86
CA GLN A 429 -21.50 24.22 -25.96
CA GLN A 429 -21.06 26.16 -24.67
C GLN A 429 -21.40 23.37 -27.22
C GLN A 429 -21.18 25.74 -26.13
N HIS A 430 -20.80 22.18 -27.14
N HIS A 430 -20.20 24.99 -26.63
CA HIS A 430 -20.87 21.21 -28.23
CA HIS A 430 -20.32 24.31 -27.90
C HIS A 430 -20.85 19.80 -27.64
C HIS A 430 -20.47 22.82 -27.62
N LYS A 431 -21.69 19.58 -26.62
N LYS A 431 -21.47 22.47 -26.80
CA LYS A 431 -21.77 18.30 -25.92
CA LYS A 431 -21.64 21.09 -26.37
C LYS A 431 -22.29 17.17 -26.79
C LYS A 431 -21.79 20.14 -27.55
N GLU A 432 -22.98 17.50 -27.89
N GLU A 432 -22.55 20.55 -28.57
CA GLU A 432 -23.54 16.49 -28.78
CA GLU A 432 -22.82 19.71 -29.73
C GLU A 432 -22.45 15.69 -29.50
C GLU A 432 -21.56 19.31 -30.49
N ASP A 433 -21.21 16.16 -29.49
N ASP A 433 -20.42 19.96 -30.25
CA ASP A 433 -20.10 15.52 -30.20
CA ASP A 433 -19.19 19.63 -30.94
C ASP A 433 -19.49 14.36 -29.42
C ASP A 433 -18.52 18.37 -30.40
N ILE A 434 -19.88 14.18 -28.16
N ILE A 434 -18.84 17.96 -29.17
CA ILE A 434 -19.29 13.12 -27.34
CA ILE A 434 -18.22 16.76 -28.61
C ILE A 434 -19.93 11.80 -27.73
C ILE A 434 -18.78 15.53 -29.32
N ARG A 435 -19.10 10.85 -28.18
N ARG A 435 -17.95 14.50 -29.43
CA ARG A 435 -19.55 9.57 -28.68
CA ARG A 435 -18.29 13.32 -30.22
C ARG A 435 -19.72 8.57 -27.53
C ARG A 435 -18.17 12.07 -29.35
N GLY A 436 -20.50 7.53 -27.79
N GLY A 436 -19.02 11.09 -29.67
CA GLY A 436 -20.63 6.44 -26.84
CA GLY A 436 -18.99 9.82 -28.98
C GLY A 436 -19.48 5.46 -26.92
C GLY A 436 -17.69 9.08 -29.20
N LEU A 437 -19.30 4.71 -25.83
N LEU A 437 -17.53 8.00 -28.45
CA LEU A 437 -18.19 3.77 -25.68
CA LEU A 437 -16.35 7.15 -28.56
C LEU A 437 -18.72 2.36 -25.41
C LEU A 437 -16.80 5.71 -28.75
N LYS A 438 -17.89 1.37 -25.69
N LYS A 438 -15.90 4.92 -29.32
CA LYS A 438 -18.16 -0.02 -25.39
CA LYS A 438 -16.07 3.47 -29.40
C LYS A 438 -16.87 -0.71 -24.97
C LYS A 438 -14.80 2.81 -28.90
N PHE A 439 -17.00 -1.77 -24.17
N PHE A 439 -14.92 1.51 -28.60
CA PHE A 439 -15.83 -2.48 -23.67
CA PHE A 439 -13.76 0.75 -28.17
C PHE A 439 -15.09 -3.23 -24.77
C PHE A 439 -12.90 0.36 -29.35
N ILE A 440 -13.76 -3.12 -24.75
N ILE A 440 -11.59 0.55 -29.22
CA ILE A 440 -12.91 -4.07 -25.44
CA ILE A 440 -10.62 -0.09 -30.11
C ILE A 440 -12.09 -4.91 -24.46
C ILE A 440 -9.79 -1.14 -29.38
N TYR A 441 -11.87 -4.43 -23.24
N TYR A 441 -9.66 -1.05 -28.07
CA TYR A 441 -11.26 -5.23 -22.18
CA TYR A 441 -9.11 -2.11 -27.22
C TYR A 441 -11.90 -4.86 -20.85
C TYR A 441 -9.92 -2.15 -25.94
N GLU A 442 -12.49 -5.85 -20.18
N GLU A 442 -10.46 -3.32 -25.61
CA GLU A 442 -13.16 -5.62 -18.90
CA GLU A 442 -11.26 -3.44 -24.40
C GLU A 442 -12.55 -6.50 -17.81
C GLU A 442 -10.93 -4.73 -23.65
N PRO A 443 -11.89 -5.91 -16.79
N PRO A 443 -10.27 -4.65 -22.51
CA PRO A 443 -11.46 -6.71 -15.64
CA PRO A 443 -10.06 -5.85 -21.68
C PRO A 443 -12.65 -7.37 -14.94
C PRO A 443 -11.31 -6.22 -20.92
N LYS A 444 -12.37 -8.51 -14.30
N LYS A 444 -11.34 -7.46 -20.44
CA LYS A 444 -13.40 -9.29 -13.63
CA LYS A 444 -12.52 -7.95 -19.73
C LYS A 444 -13.83 -8.70 -12.30
C LYS A 444 -12.74 -7.18 -18.43
N GLN A 445 -13.12 -7.69 -11.79
N GLN A 445 -11.67 -6.84 -17.72
CA GLN A 445 -13.53 -6.97 -10.58
CA GLN A 445 -11.79 -6.10 -16.47
C GLN A 445 -12.86 -5.60 -10.60
C GLN A 445 -10.81 -4.93 -16.44
N LEU A 446 -13.50 -4.64 -9.93
N LEU A 446 -11.10 -3.99 -15.53
CA LEU A 446 -13.03 -3.25 -9.88
CA LEU A 446 -10.33 -2.76 -15.39
C LEU A 446 -12.60 -2.79 -11.28
C LEU A 446 -10.23 -2.02 -16.73
N ARG A 447 -13.51 -2.98 -12.24
N ARG A 447 -11.33 -2.04 -17.49
CA ARG A 447 -13.15 -2.95 -13.66
CA ARG A 447 -11.30 -1.37 -18.79
C ARG A 447 -12.76 -1.57 -14.13
C ARG A 447 -11.12 0.14 -18.63
N PHE A 448 -13.30 -0.52 -13.50
N PHE A 448 -11.78 0.74 -17.64
CA PHE A 448 -13.01 0.85 -13.91
CA PHE A 448 -11.61 2.17 -17.41
C PHE A 448 -11.53 1.17 -13.91
C PHE A 448 -10.14 2.55 -17.23
N PHE A 449 -10.72 0.46 -13.10
N PHE A 449 -9.28 1.59 -16.86
CA PHE A 449 -9.34 0.84 -12.91
CA PHE A 449 -7.88 1.87 -16.57
C PHE A 449 -8.53 0.71 -14.20
C PHE A 449 -6.99 1.80 -17.81
N THR A 450 -8.69 -0.41 -14.91
N THR A 450 -7.24 0.85 -18.71
CA THR A 450 -7.88 -0.67 -16.10
CA THR A 450 -6.35 0.62 -19.85
C THR A 450 -8.72 -1.10 -17.29
C THR A 450 -7.05 0.54 -21.20
N ALA A 451 -10.02 -0.84 -17.27
N ALA A 451 -8.37 0.72 -21.25
CA ALA A 451 -10.84 -1.18 -18.43
CA ALA A 451 -9.06 0.67 -22.54
C ALA A 451 -10.38 -0.41 -19.65
C ALA A 451 -8.73 1.89 -23.38
N ARG A 452 -10.58 -1.00 -20.82
N ARG A 452 -8.75 1.70 -24.69
CA ARG A 452 -10.28 -0.37 -22.10
CA ARG A 452 -8.46 2.76 -25.64
C ARG A 452 -11.55 -0.39 -22.95
C ARG A 452 -9.66 2.96 -26.55
N PHE A 453 -11.81 0.72 -23.61
N PHE A 453 -9.91 4.22 -26.91
CA PHE A 453 -13.04 0.93 -24.37
CA PHE A 453 -11.10 4.60 -27.64
C PHE A 453 -12.71 1.30 -25.81
C PHE A 453 -10.72 5.29 -28.95
N ASP A 454 -13.77 1.34 -26.62
N ASP A 454 -11.74 5.66 -29.72
CA ASP A 454 -13.69 1.89 -27.96
CA ASP A 454 -11.61 6.37 -30.97
C ASP A 454 -15.02 2.55 -28.27
C ASP A 454 -12.95 7.05 -31.25
N TYR A 455 -14.98 3.56 -29.13
N TYR A 455 -12.91 8.17 -31.96
CA TYR A 455 -16.19 4.25 -29.53
CA TYR A 455 -14.11 8.93 -32.22
C TYR A 455 -17.13 3.30 -30.27
C TYR A 455 -15.02 8.20 -33.22
N ILE A 456 -18.43 3.51 -30.09
N ILE A 456 -16.29 8.07 -32.88
CA ILE A 456 -19.43 2.68 -30.75
CA ILE A 456 -17.23 7.28 -33.67
C ILE A 456 -19.59 3.09 -32.21
C ILE A 456 -17.97 8.18 -34.66
N ASN B 2 40.34 -10.04 5.27
CA ASN B 2 40.31 -8.63 4.88
C ASN B 2 38.91 -8.04 5.10
N TYR B 3 38.86 -6.82 5.62
CA TYR B 3 37.60 -6.12 5.84
C TYR B 3 37.72 -4.72 5.23
N PRO B 4 37.00 -4.44 4.15
CA PRO B 4 37.16 -3.15 3.47
C PRO B 4 36.52 -2.01 4.24
N ALA B 5 37.02 -0.80 4.01
CA ALA B 5 36.39 0.38 4.56
C ALA B 5 35.04 0.65 3.89
N GLU B 6 34.18 1.40 4.60
CA GLU B 6 32.92 1.82 4.03
C GLU B 6 33.15 2.46 2.67
N PRO B 7 32.46 2.01 1.62
CA PRO B 7 32.61 2.62 0.30
C PRO B 7 31.66 3.80 0.09
N PHE B 8 31.52 4.60 1.14
CA PHE B 8 30.62 5.74 1.16
C PHE B 8 31.06 6.54 2.36
N ARG B 9 30.65 7.80 2.42
CA ARG B 9 30.85 8.53 3.66
C ARG B 9 29.50 8.93 4.22
N ILE B 10 29.51 9.49 5.41
CA ILE B 10 28.25 9.85 6.06
C ILE B 10 27.78 11.19 5.55
N LYS B 11 26.59 11.22 4.97
CA LYS B 11 25.97 12.48 4.58
C LYS B 11 25.21 13.10 5.74
N SER B 12 24.47 12.29 6.49
CA SER B 12 23.73 12.80 7.64
C SER B 12 23.60 11.69 8.66
N VAL B 13 23.41 12.09 9.93
CA VAL B 13 23.43 11.14 11.04
C VAL B 13 22.04 11.12 11.69
N GLU B 14 21.79 10.03 12.42
CA GLU B 14 20.57 9.85 13.19
C GLU B 14 20.96 9.94 14.66
N THR B 15 20.27 10.82 15.39
CA THR B 15 20.50 11.04 16.81
C THR B 15 20.12 9.79 17.61
N VAL B 16 20.96 9.41 18.58
CA VAL B 16 20.67 8.32 19.51
C VAL B 16 20.90 8.82 20.94
N SER B 17 20.27 8.11 21.87
N SER B 17 20.43 8.09 21.96
CA SER B 17 20.33 8.31 23.32
CA SER B 17 20.45 8.72 23.29
C SER B 17 21.16 7.16 23.90
C SER B 17 21.72 8.47 24.15
N MET B 18 22.46 7.39 23.92
CA MET B 18 23.52 6.80 24.75
CA MET B 18 23.54 6.87 24.75
C MET B 18 23.19 6.75 26.24
N ILE B 19 22.09 6.07 26.59
CA ILE B 19 21.82 5.92 28.02
C ILE B 19 22.75 4.85 28.62
N PRO B 20 23.14 4.98 29.88
CA PRO B 20 24.09 4.05 30.49
C PRO B 20 23.42 2.76 30.96
N ARG B 21 24.25 1.85 31.47
CA ARG B 21 23.82 0.47 31.72
C ARG B 21 22.68 0.41 32.73
N ASP B 22 22.79 1.16 33.82
CA ASP B 22 21.75 1.10 34.84
CA ASP B 22 21.75 1.15 34.85
C ASP B 22 20.40 1.54 34.28
N GLU B 23 20.39 2.59 33.46
CA GLU B 23 19.14 3.02 32.85
C GLU B 23 18.65 2.03 31.82
N ARG B 24 19.56 1.45 31.03
CA ARG B 24 19.18 0.38 30.12
C ARG B 24 18.49 -0.76 30.88
N LEU B 25 19.00 -1.14 32.06
CA LEU B 25 18.34 -2.19 32.82
C LEU B 25 16.89 -1.79 33.12
N LYS B 26 16.66 -0.55 33.54
CA LYS B 26 15.30 -0.12 33.82
C LYS B 26 14.42 -0.16 32.57
N LYS B 27 14.95 0.25 31.41
CA LYS B 27 14.17 0.14 30.17
C LYS B 27 13.86 -1.32 29.85
N MET B 28 14.82 -2.22 30.09
CA MET B 28 14.60 -3.63 29.79
C MET B 28 13.53 -4.21 30.69
N GLN B 29 13.52 -3.80 31.96
CA GLN B 29 12.50 -4.28 32.88
C GLN B 29 11.13 -3.72 32.52
N GLU B 30 11.06 -2.44 32.16
CA GLU B 30 9.79 -1.85 31.72
C GLU B 30 9.28 -2.52 30.44
N ALA B 31 10.17 -3.04 29.61
CA ALA B 31 9.81 -3.83 28.45
C ALA B 31 9.57 -5.31 28.79
N GLY B 32 9.55 -5.68 30.07
CA GLY B 32 9.37 -7.07 30.46
C GLY B 32 10.38 -8.03 29.88
N TYR B 33 11.63 -7.58 29.73
CA TYR B 33 12.75 -8.38 29.23
C TYR B 33 12.50 -8.92 27.83
N ASN B 34 11.65 -8.24 27.07
CA ASN B 34 11.32 -8.59 25.69
C ASN B 34 11.84 -7.46 24.79
N THR B 35 12.91 -7.72 24.03
CA THR B 35 13.45 -6.64 23.23
C THR B 35 12.45 -6.09 22.23
N PHE B 36 11.45 -6.89 21.84
CA PHE B 36 10.45 -6.39 20.91
C PHE B 36 9.61 -5.28 21.51
N LEU B 37 9.54 -5.18 22.85
CA LEU B 37 8.79 -4.14 23.51
C LEU B 37 9.61 -2.89 23.81
N LEU B 38 10.90 -2.90 23.47
CA LEU B 38 11.74 -1.72 23.70
C LEU B 38 11.34 -0.60 22.76
N ASN B 39 11.49 0.63 23.28
CA ASN B 39 11.30 1.83 22.47
C ASN B 39 12.55 2.10 21.64
N SER B 40 12.34 2.48 20.39
CA SER B 40 13.45 2.81 19.51
C SER B 40 14.32 3.92 20.11
N LYS B 41 13.71 4.91 20.78
CA LYS B 41 14.50 6.03 21.29
C LYS B 41 15.46 5.61 22.39
N ASP B 42 15.30 4.41 22.95
CA ASP B 42 16.15 3.94 24.03
C ASP B 42 17.23 3.00 23.53
N ILE B 43 17.39 2.87 22.22
CA ILE B 43 18.27 1.86 21.65
C ILE B 43 19.38 2.56 20.90
N TYR B 44 20.62 2.14 21.18
CA TYR B 44 21.82 2.68 20.55
C TYR B 44 22.01 2.07 19.18
N ILE B 45 22.07 0.74 19.13
CA ILE B 45 22.34 -0.04 17.92
C ILE B 45 21.20 -1.03 17.79
N ASP B 46 20.37 -0.86 16.79
CA ASP B 46 19.13 -1.62 16.67
C ASP B 46 19.33 -2.70 15.59
N LEU B 47 19.53 -3.93 16.02
CA LEU B 47 19.77 -5.07 15.13
C LEU B 47 18.59 -6.04 15.10
N LEU B 48 17.39 -5.52 15.37
CA LEU B 48 16.18 -6.33 15.33
C LEU B 48 15.96 -6.90 13.95
N THR B 49 16.20 -6.10 12.91
CA THR B 49 15.96 -6.57 11.56
C THR B 49 16.68 -5.70 10.55
N ASP B 50 16.99 -6.31 9.42
CA ASP B 50 17.50 -5.58 8.29
C ASP B 50 16.40 -5.16 7.33
N SER B 51 15.14 -5.30 7.73
CA SER B 51 14.01 -4.96 6.86
C SER B 51 13.59 -3.51 7.04
N GLY B 52 13.81 -2.68 6.01
CA GLY B 52 13.29 -1.34 6.01
C GLY B 52 14.01 -0.42 6.95
N THR B 53 15.13 -0.87 7.50
CA THR B 53 15.93 -0.07 8.42
C THR B 53 17.17 0.53 7.75
N ASN B 54 17.25 0.45 6.44
CA ASN B 54 18.47 0.85 5.72
C ASN B 54 18.62 2.37 5.64
N ALA B 55 19.87 2.80 5.49
CA ALA B 55 20.19 4.21 5.23
C ALA B 55 20.20 4.44 3.73
N MET B 56 19.46 5.44 3.27
CA MET B 56 19.42 5.82 1.87
C MET B 56 20.56 6.75 1.53
N SER B 57 20.83 6.88 0.24
CA SER B 57 21.89 7.80 -0.17
C SER B 57 21.34 9.21 -0.39
N ASP B 58 22.28 10.14 -0.61
CA ASP B 58 21.91 11.48 -1.05
C ASP B 58 21.14 11.43 -2.37
N LYS B 59 21.46 10.49 -3.26
CA LYS B 59 20.74 10.41 -4.52
C LYS B 59 19.29 9.97 -4.31
N GLN B 60 19.09 9.00 -3.42
CA GLN B 60 17.73 8.57 -3.09
C GLN B 60 16.93 9.70 -2.46
N TRP B 61 17.54 10.45 -1.53
CA TRP B 61 16.83 11.58 -0.92
C TRP B 61 16.48 12.65 -1.94
N ALA B 62 17.37 12.89 -2.93
CA ALA B 62 16.97 13.80 -4.00
C ALA B 62 15.73 13.27 -4.70
N GLY B 63 15.67 11.96 -4.93
CA GLY B 63 14.51 11.38 -5.58
C GLY B 63 13.27 11.50 -4.73
N MET B 64 13.45 11.50 -3.40
CA MET B 64 12.36 11.70 -2.45
C MET B 64 11.74 13.09 -2.56
N MET B 65 12.49 14.06 -3.08
CA MET B 65 11.96 15.40 -3.32
C MET B 65 11.24 15.50 -4.66
N MET B 66 11.35 14.49 -5.51
N MET B 66 11.34 14.44 -5.47
CA MET B 66 10.71 14.52 -6.81
CA MET B 66 10.80 14.42 -6.82
C MET B 66 9.65 13.43 -6.92
C MET B 66 9.58 13.52 -6.95
N GLY B 67 8.88 13.25 -5.86
CA GLY B 67 7.75 12.35 -5.92
C GLY B 67 6.68 12.95 -6.83
N ASP B 68 6.33 12.25 -7.91
CA ASP B 68 5.17 12.54 -8.73
C ASP B 68 4.03 11.74 -8.13
N GLU B 69 3.19 12.40 -7.33
CA GLU B 69 2.22 11.68 -6.52
C GLU B 69 0.92 11.37 -7.24
N ALA B 70 0.90 11.48 -8.57
CA ALA B 70 -0.30 11.17 -9.32
C ALA B 70 -0.78 9.74 -9.03
N TYR B 71 -2.10 9.56 -9.10
CA TYR B 71 -2.68 8.28 -8.74
C TYR B 71 -2.46 7.24 -9.83
N ALA B 72 -2.23 7.70 -11.06
CA ALA B 72 -1.97 6.81 -12.19
C ALA B 72 -0.96 7.48 -13.10
N GLY B 73 -0.06 6.67 -13.68
CA GLY B 73 0.86 7.24 -14.63
C GLY B 73 2.01 8.03 -14.02
N SER B 74 2.32 7.82 -12.75
CA SER B 74 3.45 8.53 -12.13
C SER B 74 4.76 8.28 -12.87
N GLU B 75 5.51 9.34 -13.11
CA GLU B 75 6.86 9.22 -13.61
C GLU B 75 7.72 8.31 -12.74
N ASN B 76 7.49 8.30 -11.42
CA ASN B 76 8.30 7.46 -10.55
C ASN B 76 8.05 5.99 -10.83
N PHE B 77 6.81 5.63 -11.14
CA PHE B 77 6.53 4.25 -11.48
C PHE B 77 7.25 3.87 -12.77
N TYR B 78 7.21 4.74 -13.76
CA TYR B 78 7.91 4.38 -15.00
C TYR B 78 9.41 4.24 -14.76
N HIS B 79 9.99 5.06 -13.87
CA HIS B 79 11.39 4.88 -13.53
CA HIS B 79 11.39 4.88 -13.52
C HIS B 79 11.62 3.52 -12.87
N LEU B 80 10.75 3.14 -11.94
CA LEU B 80 10.90 1.85 -11.28
C LEU B 80 10.74 0.71 -12.26
N GLU B 81 9.74 0.83 -13.15
CA GLU B 81 9.48 -0.22 -14.11
C GLU B 81 10.70 -0.46 -14.99
N ARG B 82 11.24 0.59 -15.58
CA ARG B 82 12.37 0.37 -16.49
C ARG B 82 13.60 -0.08 -15.73
N THR B 83 13.76 0.31 -14.46
CA THR B 83 14.90 -0.16 -13.69
C THR B 83 14.81 -1.66 -13.42
N VAL B 84 13.64 -2.13 -13.02
CA VAL B 84 13.52 -3.54 -12.69
C VAL B 84 13.58 -4.38 -13.96
N GLN B 85 12.99 -3.86 -15.04
CA GLN B 85 13.11 -4.56 -16.32
C GLN B 85 14.56 -4.67 -16.75
N GLU B 86 15.33 -3.60 -16.61
CA GLU B 86 16.74 -3.65 -17.00
C GLU B 86 17.54 -4.57 -16.08
N LEU B 87 17.41 -4.41 -14.76
CA LEU B 87 18.31 -5.10 -13.87
C LEU B 87 17.93 -6.56 -13.62
N PHE B 88 16.63 -6.87 -13.55
CA PHE B 88 16.16 -8.22 -13.31
C PHE B 88 15.79 -8.97 -14.57
N GLY B 89 15.41 -8.25 -15.63
CA GLY B 89 15.11 -8.89 -16.89
C GLY B 89 13.69 -9.37 -17.07
N PHE B 90 12.80 -9.13 -16.10
CA PHE B 90 11.42 -9.57 -16.26
C PHE B 90 10.63 -8.61 -17.13
N LYS B 91 9.62 -9.16 -17.79
CA LYS B 91 8.82 -8.39 -18.73
C LYS B 91 7.86 -7.42 -18.03
N HIS B 92 7.25 -7.84 -16.93
CA HIS B 92 6.18 -7.06 -16.31
C HIS B 92 6.45 -6.90 -14.83
N ILE B 93 6.12 -5.74 -14.29
CA ILE B 93 6.36 -5.48 -12.88
C ILE B 93 5.16 -4.74 -12.31
N VAL B 94 4.76 -5.13 -11.09
CA VAL B 94 3.64 -4.53 -10.39
C VAL B 94 4.22 -4.14 -9.04
N PRO B 95 4.20 -2.86 -8.66
CA PRO B 95 4.70 -2.50 -7.32
C PRO B 95 3.74 -2.96 -6.25
N THR B 96 4.29 -3.23 -5.08
CA THR B 96 3.49 -3.54 -3.90
C THR B 96 4.11 -2.78 -2.72
N HIS B 97 3.35 -2.64 -1.64
CA HIS B 97 3.89 -1.76 -0.60
C HIS B 97 5.09 -2.39 0.09
N GLN B 98 5.15 -3.72 0.16
CA GLN B 98 6.37 -4.44 0.53
C GLN B 98 6.21 -5.88 0.07
N GLY B 99 7.07 -6.76 0.59
CA GLY B 99 7.18 -8.10 0.04
C GLY B 99 5.92 -8.93 0.23
N ARG B 100 5.36 -8.95 1.43
CA ARG B 100 4.22 -9.83 1.63
C ARG B 100 2.99 -9.37 0.85
N GLY B 101 2.96 -8.11 0.40
CA GLY B 101 1.91 -7.71 -0.54
C GLY B 101 2.05 -8.43 -1.87
N ALA B 102 3.27 -8.55 -2.36
CA ALA B 102 3.51 -9.27 -3.62
C ALA B 102 3.26 -10.76 -3.45
N GLU B 103 3.65 -11.34 -2.30
CA GLU B 103 3.38 -12.74 -2.04
C GLU B 103 1.88 -13.03 -2.04
N ASN B 104 1.10 -12.15 -1.41
CA ASN B 104 -0.36 -12.25 -1.47
C ASN B 104 -0.84 -12.36 -2.91
N LEU B 105 -0.35 -11.48 -3.78
CA LEU B 105 -0.77 -11.50 -5.19
C LEU B 105 -0.36 -12.79 -5.86
N LEU B 106 0.93 -13.15 -5.76
CA LEU B 106 1.43 -14.35 -6.44
C LEU B 106 0.65 -15.59 -6.01
N SER B 107 0.42 -15.73 -4.70
CA SER B 107 -0.20 -16.97 -4.25
C SER B 107 -1.65 -17.08 -4.70
N GLN B 108 -2.36 -15.95 -4.83
CA GLN B 108 -3.73 -15.97 -5.35
C GLN B 108 -3.76 -16.21 -6.86
N LEU B 109 -2.72 -15.80 -7.58
CA LEU B 109 -2.70 -15.96 -9.01
C LEU B 109 -2.26 -17.37 -9.43
N ALA B 110 -1.37 -18.00 -8.67
CA ALA B 110 -0.63 -19.15 -9.18
C ALA B 110 -0.96 -20.47 -8.49
N ILE B 111 -1.88 -20.49 -7.54
CA ILE B 111 -2.16 -21.71 -6.78
C ILE B 111 -3.62 -22.08 -6.94
N LYS B 112 -3.87 -23.33 -7.34
CA LYS B 112 -5.17 -23.96 -7.22
C LYS B 112 -5.18 -24.83 -5.97
N PRO B 113 -6.27 -24.81 -5.21
CA PRO B 113 -6.33 -25.60 -3.98
C PRO B 113 -5.96 -27.05 -4.23
N GLY B 114 -5.21 -27.63 -3.29
CA GLY B 114 -4.73 -28.98 -3.41
C GLY B 114 -3.36 -29.12 -4.03
N GLN B 115 -2.85 -28.07 -4.69
CA GLN B 115 -1.55 -28.15 -5.32
C GLN B 115 -0.43 -28.01 -4.29
N TYR B 116 0.78 -28.37 -4.71
CA TYR B 116 1.96 -28.26 -3.87
C TYR B 116 2.81 -27.08 -4.29
N VAL B 117 3.45 -26.45 -3.31
CA VAL B 117 4.53 -25.50 -3.55
C VAL B 117 5.76 -26.04 -2.84
N ALA B 118 6.88 -26.10 -3.55
CA ALA B 118 8.13 -26.64 -3.03
C ALA B 118 9.17 -25.55 -3.01
N GLY B 119 10.00 -25.53 -1.96
CA GLY B 119 10.98 -24.48 -1.82
C GLY B 119 12.19 -24.90 -1.01
N ASN B 120 13.25 -24.09 -1.10
CA ASN B 120 14.43 -24.30 -0.27
C ASN B 120 14.15 -23.68 1.08
N MET B 121 13.57 -24.50 1.97
CA MET B 121 12.98 -24.01 3.21
C MET B 121 11.90 -22.98 2.91
N TYR B 122 11.59 -22.11 3.88
CA TYR B 122 10.48 -21.21 3.72
C TYR B 122 10.68 -19.97 4.58
N PHE B 123 9.86 -18.97 4.32
CA PHE B 123 9.71 -17.81 5.19
C PHE B 123 8.26 -17.72 5.64
N THR B 124 8.04 -17.19 6.85
CA THR B 124 6.72 -17.29 7.47
C THR B 124 5.61 -16.67 6.62
N THR B 125 5.79 -15.43 6.15
CA THR B 125 4.69 -14.81 5.39
C THR B 125 4.50 -15.48 4.04
N THR B 126 5.59 -15.85 3.39
CA THR B 126 5.51 -16.51 2.08
C THR B 126 4.73 -17.82 2.18
N ARG B 127 5.08 -18.65 3.16
CA ARG B 127 4.40 -19.92 3.34
C ARG B 127 2.96 -19.72 3.80
N TYR B 128 2.69 -18.68 4.59
CA TYR B 128 1.31 -18.45 4.99
C TYR B 128 0.42 -18.19 3.77
N HIS B 129 0.88 -17.37 2.83
CA HIS B 129 0.04 -17.04 1.69
C HIS B 129 -0.11 -18.22 0.75
N GLN B 130 0.92 -19.07 0.68
CA GLN B 130 0.78 -20.31 -0.08
C GLN B 130 -0.27 -21.21 0.55
N GLU B 131 -0.20 -21.42 1.87
CA GLU B 131 -1.13 -22.34 2.51
C GLU B 131 -2.53 -21.77 2.57
N LYS B 132 -2.65 -20.46 2.81
CA LYS B 132 -3.94 -19.80 2.81
C LYS B 132 -4.68 -19.98 1.48
N ASN B 133 -3.94 -20.13 0.37
CA ASN B 133 -4.56 -20.26 -0.94
C ASN B 133 -4.66 -21.71 -1.40
N GLY B 134 -4.49 -22.68 -0.50
CA GLY B 134 -4.73 -24.07 -0.81
C GLY B 134 -3.51 -24.93 -1.06
N ALA B 135 -2.30 -24.38 -0.98
CA ALA B 135 -1.11 -25.17 -1.28
C ALA B 135 -0.63 -25.97 -0.08
N VAL B 136 0.03 -27.08 -0.37
CA VAL B 136 0.79 -27.85 0.61
C VAL B 136 2.26 -27.58 0.37
N PHE B 137 2.97 -27.14 1.41
CA PHE B 137 4.38 -26.81 1.30
C PHE B 137 5.25 -28.04 1.46
N VAL B 138 6.26 -28.14 0.59
CA VAL B 138 7.23 -29.23 0.64
C VAL B 138 8.61 -28.61 0.65
N ASP B 139 9.41 -28.96 1.67
CA ASP B 139 10.79 -28.51 1.76
C ASP B 139 11.67 -29.39 0.87
N ILE B 140 12.32 -28.78 -0.11
CA ILE B 140 13.21 -29.53 -0.99
C ILE B 140 14.65 -29.03 -0.89
N VAL B 141 14.96 -28.30 0.19
CA VAL B 141 16.34 -27.84 0.39
C VAL B 141 17.25 -29.06 0.62
N ARG B 142 18.54 -28.86 0.30
CA ARG B 142 19.55 -29.87 0.59
C ARG B 142 19.63 -30.13 2.10
N ASP B 143 19.87 -31.39 2.48
CA ASP B 143 19.84 -31.77 3.89
C ASP B 143 20.85 -30.99 4.72
N GLU B 144 21.99 -30.61 4.13
CA GLU B 144 23.02 -29.89 4.87
C GLU B 144 22.53 -28.55 5.40
N ALA B 145 21.52 -27.96 4.76
CA ALA B 145 21.03 -26.67 5.22
C ALA B 145 20.48 -26.74 6.64
N HIS B 146 20.07 -27.93 7.09
CA HIS B 146 19.54 -28.12 8.44
C HIS B 146 20.64 -28.44 9.47
N ASP B 147 21.90 -28.52 9.06
CA ASP B 147 23.01 -28.62 10.00
C ASP B 147 23.55 -27.22 10.23
N ALA B 148 23.18 -26.61 11.36
CA ALA B 148 23.50 -25.22 11.62
C ALA B 148 24.98 -24.98 11.92
N GLY B 149 25.74 -26.04 12.18
CA GLY B 149 27.16 -25.91 12.41
C GLY B 149 28.02 -26.29 11.22
N LEU B 150 27.41 -26.60 10.08
CA LEU B 150 28.13 -27.11 8.92
C LEU B 150 28.58 -25.94 8.05
N ASN B 151 29.90 -25.76 7.95
CA ASN B 151 30.47 -24.61 7.27
C ASN B 151 30.80 -25.01 5.84
N ILE B 152 29.78 -24.93 4.97
CA ILE B 152 29.95 -25.22 3.54
C ILE B 152 29.23 -24.16 2.72
N ALA B 153 29.71 -23.98 1.49
CA ALA B 153 29.20 -22.94 0.60
C ALA B 153 27.84 -23.32 0.03
N PHE B 154 27.07 -22.28 -0.31
CA PHE B 154 25.79 -22.41 -1.01
C PHE B 154 24.87 -23.43 -0.34
N LYS B 155 24.73 -23.26 0.98
CA LYS B 155 23.86 -24.12 1.78
C LYS B 155 22.40 -24.00 1.38
N GLY B 156 22.03 -22.91 0.70
CA GLY B 156 20.64 -22.71 0.32
C GLY B 156 20.16 -23.54 -0.86
N ASP B 157 21.08 -24.20 -1.56
CA ASP B 157 20.74 -24.93 -2.78
C ASP B 157 19.61 -25.94 -2.57
N ILE B 158 18.71 -26.01 -3.56
CA ILE B 158 17.71 -27.05 -3.63
C ILE B 158 18.35 -28.39 -3.98
N ASP B 159 17.93 -29.45 -3.30
CA ASP B 159 18.28 -30.82 -3.67
C ASP B 159 17.48 -31.22 -4.91
N LEU B 160 18.14 -31.34 -6.07
CA LEU B 160 17.43 -31.71 -7.28
C LEU B 160 16.76 -33.08 -7.16
N LYS B 161 17.30 -33.95 -6.31
CA LYS B 161 16.72 -35.28 -6.15
C LYS B 161 15.40 -35.22 -5.41
N LYS B 162 15.29 -34.34 -4.40
CA LYS B 162 14.02 -34.17 -3.72
C LYS B 162 12.98 -33.55 -4.63
N LEU B 163 13.40 -32.64 -5.51
CA LEU B 163 12.48 -32.06 -6.47
C LEU B 163 11.99 -33.12 -7.46
N GLN B 164 12.89 -33.96 -7.96
CA GLN B 164 12.49 -35.04 -8.85
C GLN B 164 11.55 -36.01 -8.15
N LYS B 165 11.82 -36.33 -6.88
CA LYS B 165 10.93 -37.23 -6.15
C LYS B 165 9.53 -36.66 -6.03
N LEU B 166 9.44 -35.35 -5.77
CA LEU B 166 8.14 -34.71 -5.65
C LEU B 166 7.37 -34.75 -6.98
N ILE B 167 8.05 -34.44 -8.08
CA ILE B 167 7.40 -34.51 -9.40
C ILE B 167 6.89 -35.92 -9.66
N ASP B 168 7.69 -36.93 -9.33
CA ASP B 168 7.31 -38.31 -9.61
C ASP B 168 6.13 -38.74 -8.75
N GLU B 169 6.11 -38.32 -7.49
CA GLU B 169 5.10 -38.81 -6.57
C GLU B 169 3.80 -38.02 -6.65
N LYS B 170 3.88 -36.71 -6.85
CA LYS B 170 2.67 -35.88 -6.89
C LYS B 170 2.20 -35.57 -8.30
N GLY B 171 3.08 -35.58 -9.29
CA GLY B 171 2.71 -35.21 -10.64
C GLY B 171 2.95 -33.74 -10.93
N ALA B 172 3.45 -33.43 -12.13
CA ALA B 172 3.79 -32.04 -12.45
C ALA B 172 2.58 -31.14 -12.42
N GLU B 173 1.43 -31.61 -12.92
CA GLU B 173 0.25 -30.75 -12.98
C GLU B 173 -0.27 -30.37 -11.60
N ASN B 174 0.15 -31.08 -10.55
CA ASN B 174 -0.32 -30.82 -9.20
C ASN B 174 0.66 -29.95 -8.40
N ILE B 175 1.70 -29.44 -9.04
CA ILE B 175 2.67 -28.56 -8.41
C ILE B 175 2.43 -27.16 -8.95
N ALA B 176 1.96 -26.26 -8.08
CA ALA B 176 1.71 -24.88 -8.47
C ALA B 176 3.00 -24.22 -8.96
N TYR B 177 4.02 -24.17 -8.10
CA TYR B 177 5.32 -23.67 -8.54
C TYR B 177 6.40 -24.09 -7.57
N ILE B 178 7.64 -23.83 -7.96
CA ILE B 178 8.79 -23.94 -7.10
C ILE B 178 9.10 -22.56 -6.55
N CYS B 179 9.28 -22.45 -5.25
CA CYS B 179 9.57 -21.17 -4.61
C CYS B 179 11.03 -21.18 -4.20
N LEU B 180 11.88 -20.52 -4.97
CA LEU B 180 13.31 -20.52 -4.69
C LEU B 180 13.67 -19.18 -4.04
N ALA B 181 14.11 -19.22 -2.80
CA ALA B 181 14.47 -18.02 -2.07
C ALA B 181 15.97 -17.75 -2.17
N VAL B 182 16.33 -16.48 -2.37
CA VAL B 182 17.73 -16.05 -2.32
C VAL B 182 17.80 -14.78 -1.47
N THR B 183 18.60 -14.79 -0.40
CA THR B 183 19.20 -15.94 0.25
C THR B 183 18.14 -16.71 1.05
N VAL B 184 18.56 -17.74 1.76
CA VAL B 184 17.67 -18.59 2.54
C VAL B 184 17.75 -18.13 4.00
N ASN B 185 16.75 -17.35 4.40
CA ASN B 185 16.74 -16.68 5.70
C ASN B 185 16.76 -17.68 6.84
N LEU B 186 15.92 -18.71 6.75
CA LEU B 186 15.75 -19.65 7.85
C LEU B 186 16.99 -20.49 8.11
N ALA B 187 17.87 -20.63 7.13
CA ALA B 187 19.15 -21.31 7.30
C ALA B 187 20.25 -20.37 7.78
N GLY B 188 19.91 -19.13 8.08
CA GLY B 188 20.87 -18.16 8.54
C GLY B 188 21.31 -17.18 7.48
N GLY B 189 20.55 -17.05 6.38
CA GLY B 189 20.91 -16.20 5.25
C GLY B 189 21.87 -16.87 4.28
N GLN B 190 21.59 -18.13 3.90
CA GLN B 190 22.56 -18.87 3.10
C GLN B 190 22.29 -18.68 1.61
N PRO B 191 23.33 -18.56 0.78
CA PRO B 191 23.13 -18.31 -0.64
C PRO B 191 22.84 -19.59 -1.43
N VAL B 192 22.36 -19.37 -2.66
CA VAL B 192 22.09 -20.40 -3.66
C VAL B 192 23.03 -20.16 -4.84
N SER B 193 23.55 -21.24 -5.42
CA SER B 193 24.50 -21.09 -6.51
C SER B 193 23.78 -20.87 -7.84
N MET B 194 24.47 -20.22 -8.77
CA MET B 194 23.94 -20.12 -10.12
C MET B 194 23.70 -21.52 -10.69
N ALA B 195 24.58 -22.47 -10.35
CA ALA B 195 24.47 -23.82 -10.88
C ALA B 195 23.19 -24.50 -10.41
N ASN B 196 22.84 -24.31 -9.14
CA ASN B 196 21.57 -24.81 -8.65
C ASN B 196 20.38 -24.12 -9.33
N MET B 197 20.46 -22.81 -9.52
CA MET B 197 19.36 -22.09 -10.16
C MET B 197 19.17 -22.55 -11.60
N ARG B 198 20.26 -22.86 -12.30
CA ARG B 198 20.10 -23.36 -13.66
C ARG B 198 19.55 -24.78 -13.67
N ALA B 199 20.03 -25.64 -12.75
CA ALA B 199 19.52 -27.00 -12.71
C ALA B 199 18.03 -27.02 -12.42
N VAL B 200 17.60 -26.23 -11.44
CA VAL B 200 16.19 -26.17 -11.10
C VAL B 200 15.35 -25.68 -12.27
N ARG B 201 15.83 -24.65 -12.98
CA ARG B 201 15.07 -24.17 -14.13
C ARG B 201 14.96 -25.25 -15.20
N GLU B 202 16.03 -26.02 -15.40
N GLU B 202 16.05 -25.98 -15.42
CA GLU B 202 16.03 -26.99 -16.50
CA GLU B 202 16.07 -27.01 -16.46
C GLU B 202 15.22 -28.24 -16.16
C GLU B 202 15.10 -28.13 -16.13
N LEU B 203 15.12 -28.60 -14.88
CA LEU B 203 14.23 -29.68 -14.51
C LEU B 203 12.77 -29.25 -14.54
N THR B 204 12.46 -28.05 -14.04
CA THR B 204 11.06 -27.62 -14.02
C THR B 204 10.56 -27.36 -15.44
N ALA B 205 11.40 -26.77 -16.30
CA ALA B 205 10.98 -26.47 -17.66
C ALA B 205 10.59 -27.72 -18.42
N ALA B 206 11.31 -28.82 -18.20
CA ALA B 206 10.98 -30.08 -18.86
C ALA B 206 9.61 -30.59 -18.46
N HIS B 207 9.05 -30.11 -17.34
CA HIS B 207 7.75 -30.56 -16.88
C HIS B 207 6.70 -29.46 -16.92
N GLY B 208 7.03 -28.29 -17.44
CA GLY B 208 6.07 -27.20 -17.49
C GLY B 208 5.78 -26.56 -16.17
N ILE B 209 6.65 -26.76 -15.19
CA ILE B 209 6.45 -26.23 -13.84
C ILE B 209 7.04 -24.82 -13.76
N LYS B 210 6.29 -23.91 -13.13
CA LYS B 210 6.71 -22.52 -12.91
C LYS B 210 7.68 -22.41 -11.73
N VAL B 211 8.57 -21.43 -11.81
CA VAL B 211 9.51 -21.16 -10.72
C VAL B 211 9.44 -19.67 -10.39
N PHE B 212 9.16 -19.34 -9.13
CA PHE B 212 9.14 -17.94 -8.74
C PHE B 212 10.14 -17.74 -7.63
N TYR B 213 10.88 -16.62 -7.70
CA TYR B 213 11.93 -16.35 -6.73
C TYR B 213 11.42 -15.46 -5.61
N ASP B 214 11.79 -15.80 -4.39
CA ASP B 214 11.66 -14.87 -3.26
C ASP B 214 13.00 -14.15 -3.22
N ALA B 215 13.07 -13.01 -3.88
CA ALA B 215 14.34 -12.37 -4.23
C ALA B 215 14.78 -11.33 -3.21
N THR B 216 14.22 -11.36 -2.01
CA THR B 216 14.40 -10.27 -1.06
CA THR B 216 14.40 -10.23 -1.09
C THR B 216 15.88 -9.93 -0.82
N ARG B 217 16.73 -10.95 -0.71
CA ARG B 217 18.15 -10.67 -0.53
C ARG B 217 18.97 -11.23 -1.68
N CYS B 218 18.48 -11.00 -2.89
CA CYS B 218 19.14 -11.51 -4.10
C CYS B 218 20.49 -10.84 -4.35
N VAL B 219 20.72 -9.64 -3.82
CA VAL B 219 21.98 -8.98 -4.10
C VAL B 219 23.08 -9.55 -3.20
N GLU B 220 22.81 -9.77 -1.90
CA GLU B 220 23.74 -10.54 -1.10
C GLU B 220 24.02 -11.90 -1.75
N ASN B 221 22.97 -12.57 -2.23
CA ASN B 221 23.18 -13.84 -2.91
C ASN B 221 24.14 -13.68 -4.08
N ALA B 222 23.95 -12.62 -4.86
CA ALA B 222 24.82 -12.40 -6.01
C ALA B 222 26.26 -12.14 -5.59
N TYR B 223 26.45 -11.52 -4.42
CA TYR B 223 27.82 -11.34 -3.95
C TYR B 223 28.46 -12.67 -3.60
N PHE B 224 27.74 -13.55 -2.90
CA PHE B 224 28.31 -14.85 -2.60
C PHE B 224 28.69 -15.59 -3.88
N ILE B 225 27.84 -15.52 -4.90
CA ILE B 225 28.17 -16.18 -6.17
C ILE B 225 29.46 -15.62 -6.73
N LYS B 226 29.61 -14.29 -6.71
CA LYS B 226 30.82 -13.69 -7.26
C LYS B 226 32.04 -14.06 -6.43
N GLU B 227 31.86 -14.18 -5.11
CA GLU B 227 32.99 -14.46 -4.26
C GLU B 227 33.41 -15.92 -4.32
N GLN B 228 32.45 -16.84 -4.44
CA GLN B 228 32.77 -18.25 -4.19
C GLN B 228 32.45 -19.22 -5.32
N GLU B 229 31.64 -18.87 -6.30
CA GLU B 229 31.29 -19.83 -7.34
C GLU B 229 32.30 -19.69 -8.48
N GLN B 230 32.99 -20.79 -8.77
CA GLN B 230 34.01 -20.76 -9.82
C GLN B 230 33.41 -20.30 -11.13
N GLY B 231 34.12 -19.41 -11.82
CA GLY B 231 33.68 -18.88 -13.09
C GLY B 231 32.96 -17.54 -13.06
N PHE B 232 32.72 -16.98 -11.87
CA PHE B 232 32.03 -15.70 -11.80
C PHE B 232 32.94 -14.56 -11.37
N GLU B 233 34.25 -14.79 -11.32
CA GLU B 233 35.18 -13.73 -10.94
C GLU B 233 35.15 -12.55 -11.92
N ASN B 234 34.83 -12.77 -13.19
CA ASN B 234 34.83 -11.69 -14.18
C ASN B 234 33.45 -11.09 -14.41
N LYS B 235 32.46 -11.46 -13.61
CA LYS B 235 31.11 -10.99 -13.80
C LYS B 235 30.82 -9.89 -12.78
N SER B 236 30.08 -8.87 -13.21
CA SER B 236 29.66 -7.82 -12.30
C SER B 236 28.45 -8.32 -11.51
N ILE B 237 28.19 -7.66 -10.37
CA ILE B 237 27.00 -8.02 -9.61
C ILE B 237 25.76 -7.95 -10.49
N ALA B 238 25.64 -6.87 -11.28
CA ALA B 238 24.46 -6.70 -12.13
C ALA B 238 24.34 -7.82 -13.15
N GLU B 239 25.47 -8.28 -13.69
CA GLU B 239 25.44 -9.41 -14.62
C GLU B 239 24.98 -10.68 -13.91
N ILE B 240 25.37 -10.85 -12.65
CA ILE B 240 25.02 -12.07 -11.92
C ILE B 240 23.54 -12.03 -11.56
N VAL B 241 23.07 -10.89 -11.07
CA VAL B 241 21.65 -10.71 -10.77
C VAL B 241 20.81 -10.99 -12.02
N HIS B 242 21.20 -10.39 -13.15
CA HIS B 242 20.42 -10.60 -14.37
C HIS B 242 20.36 -12.08 -14.73
N GLU B 243 21.48 -12.80 -14.56
CA GLU B 243 21.46 -14.22 -14.91
C GLU B 243 20.67 -15.04 -13.90
N MET B 244 20.77 -14.70 -12.61
CA MET B 244 19.94 -15.38 -11.61
C MET B 244 18.48 -15.41 -12.05
N PHE B 245 17.90 -14.24 -12.35
CA PHE B 245 16.48 -14.12 -12.66
C PHE B 245 16.13 -14.63 -14.06
N SER B 246 17.13 -14.96 -14.89
CA SER B 246 16.82 -15.57 -16.17
C SER B 246 16.34 -17.00 -16.03
N TYR B 247 16.47 -17.59 -14.84
CA TYR B 247 16.03 -18.94 -14.54
C TYR B 247 14.72 -18.98 -13.77
N ALA B 248 13.99 -17.87 -13.73
CA ALA B 248 12.71 -17.81 -13.03
C ALA B 248 11.64 -17.32 -13.98
N ASP B 249 10.39 -17.64 -13.64
CA ASP B 249 9.24 -17.07 -14.33
C ASP B 249 8.77 -15.76 -13.70
N GLY B 250 9.30 -15.42 -12.54
CA GLY B 250 8.92 -14.18 -11.90
C GLY B 250 9.48 -14.17 -10.50
N CYS B 251 9.09 -13.15 -9.74
CA CYS B 251 9.60 -13.08 -8.39
C CYS B 251 8.68 -12.23 -7.55
N THR B 252 8.87 -12.34 -6.24
CA THR B 252 8.38 -11.38 -5.27
C THR B 252 9.60 -10.74 -4.62
N MET B 253 9.55 -9.44 -4.41
CA MET B 253 10.72 -8.71 -3.94
C MET B 253 10.30 -7.82 -2.77
N SER B 254 11.04 -7.90 -1.67
CA SER B 254 10.89 -6.91 -0.61
C SER B 254 12.01 -5.90 -0.81
N GLY B 255 11.66 -4.73 -1.36
CA GLY B 255 12.63 -3.66 -1.52
C GLY B 255 13.24 -3.27 -0.19
N LYS B 256 12.51 -3.49 0.89
CA LYS B 256 12.94 -3.17 2.26
C LYS B 256 14.24 -3.86 2.63
N ASP B 258 17.15 -5.74 0.09
CA ASP B 258 18.26 -5.37 -0.79
C ASP B 258 18.04 -4.18 -1.75
N CYS B 259 16.86 -3.56 -1.81
CA CYS B 259 16.72 -2.33 -2.57
C CYS B 259 17.05 -1.10 -1.74
N LEU B 260 17.58 -1.27 -0.54
CA LEU B 260 18.16 -0.14 0.20
C LEU B 260 17.13 0.95 0.50
N VAL B 261 15.90 0.56 0.86
CA VAL B 261 14.86 1.52 1.18
C VAL B 261 14.16 1.11 2.49
N ASN B 262 13.27 1.99 2.93
CA ASN B 262 12.55 1.85 4.19
C ASN B 262 11.15 1.28 4.03
N ILE B 263 10.66 1.20 2.79
CA ILE B 263 9.35 0.66 2.45
C ILE B 263 9.40 0.34 0.96
N GLY B 264 8.62 -0.66 0.53
CA GLY B 264 8.49 -0.93 -0.89
C GLY B 264 8.75 -2.38 -1.27
N GLY B 265 8.12 -2.81 -2.36
CA GLY B 265 8.40 -4.10 -2.95
C GLY B 265 7.73 -4.17 -4.30
N PHE B 266 7.77 -5.37 -4.89
CA PHE B 266 7.12 -5.48 -6.18
C PHE B 266 7.03 -6.94 -6.57
N LEU B 267 6.18 -7.20 -7.57
CA LEU B 267 5.95 -8.51 -8.13
C LEU B 267 6.38 -8.47 -9.58
N CYS B 268 7.20 -9.42 -10.00
CA CYS B 268 7.60 -9.53 -11.39
C CYS B 268 7.08 -10.83 -11.99
N MET B 269 6.83 -10.80 -13.30
CA MET B 269 6.52 -12.02 -14.02
C MET B 269 6.73 -11.77 -15.50
N ASN B 270 6.85 -12.87 -16.24
CA ASN B 270 7.01 -12.81 -17.69
C ASN B 270 5.71 -13.05 -18.46
N ASP B 271 4.78 -13.78 -17.87
CA ASP B 271 3.57 -14.21 -18.59
C ASP B 271 2.58 -13.06 -18.70
N ASP B 272 2.16 -12.75 -19.94
CA ASP B 272 1.23 -11.66 -20.17
C ASP B 272 -0.09 -11.89 -19.45
N GLU B 273 -0.63 -13.10 -19.56
CA GLU B 273 -1.92 -13.42 -18.95
C GLU B 273 -1.88 -13.26 -17.43
N MET B 274 -0.85 -13.79 -16.79
CA MET B 274 -0.73 -13.62 -15.34
C MET B 274 -0.54 -12.16 -14.98
N PHE B 275 0.20 -11.42 -15.80
CA PHE B 275 0.35 -9.98 -15.55
C PHE B 275 -0.99 -9.27 -15.62
N SER B 276 -1.82 -9.64 -16.61
CA SER B 276 -3.14 -9.05 -16.68
C SER B 276 -3.97 -9.38 -15.45
N SER B 277 -3.90 -10.62 -14.97
CA SER B 277 -4.63 -10.98 -13.75
C SER B 277 -4.04 -10.28 -12.52
N ALA B 278 -2.71 -10.11 -12.48
CA ALA B 278 -2.11 -9.41 -11.35
C ALA B 278 -2.59 -7.97 -11.29
N LYS B 279 -2.74 -7.33 -12.45
CA LYS B 279 -3.25 -5.96 -12.46
C LYS B 279 -4.69 -5.91 -11.98
N GLU B 280 -5.49 -6.94 -12.31
CA GLU B 280 -6.86 -6.97 -11.81
C GLU B 280 -6.90 -7.17 -10.30
N LEU B 281 -5.87 -7.78 -9.73
CA LEU B 281 -5.87 -8.10 -8.31
C LEU B 281 -5.20 -7.05 -7.44
N VAL B 282 -4.13 -6.42 -7.94
CA VAL B 282 -3.38 -5.45 -7.13
C VAL B 282 -4.28 -4.33 -6.64
N VAL B 283 -5.34 -4.01 -7.39
CA VAL B 283 -6.20 -2.90 -7.00
C VAL B 283 -7.03 -3.26 -5.78
N VAL B 284 -7.20 -4.56 -5.53
CA VAL B 284 -8.00 -5.02 -4.40
C VAL B 284 -7.28 -4.75 -3.08
N TYR B 285 -5.97 -4.99 -3.04
CA TYR B 285 -5.22 -5.00 -1.79
C TYR B 285 -4.22 -3.88 -1.65
N GLU B 286 -3.65 -3.39 -2.76
CA GLU B 286 -2.49 -2.52 -2.72
C GLU B 286 -2.77 -1.15 -3.30
N GLY B 287 -3.27 -1.09 -4.52
CA GLY B 287 -3.44 0.16 -5.23
C GLY B 287 -3.33 -0.09 -6.72
N MET B 288 -3.20 1.01 -7.47
N MET B 288 -3.18 1.00 -7.46
CA MET B 288 -3.14 0.92 -8.93
CA MET B 288 -3.12 0.93 -8.91
C MET B 288 -1.88 0.17 -9.37
C MET B 288 -1.88 0.16 -9.37
N PRO B 289 -1.92 -0.45 -10.55
CA PRO B 289 -0.70 -1.06 -11.10
C PRO B 289 0.45 -0.09 -11.20
N SER B 290 0.21 1.22 -11.14
CA SER B 290 1.26 2.22 -11.23
C SER B 290 1.57 2.92 -9.91
N TYR B 291 1.12 2.38 -8.77
CA TYR B 291 1.73 2.80 -7.51
C TYR B 291 1.69 1.68 -6.47
N GLY B 292 0.67 0.84 -6.50
CA GLY B 292 0.69 -0.40 -5.68
C GLY B 292 0.86 -0.18 -4.19
N GLY B 293 0.23 0.86 -3.65
CA GLY B 293 0.34 1.10 -2.22
C GLY B 293 1.59 1.81 -1.80
N LEU B 294 2.32 2.44 -2.73
CA LEU B 294 3.49 3.25 -2.46
C LEU B 294 3.27 4.69 -2.91
N ALA B 295 3.81 5.63 -2.15
CA ALA B 295 3.90 7.00 -2.63
C ALA B 295 4.84 7.03 -3.84
N GLY B 296 4.64 8.02 -4.71
CA GLY B 296 5.53 8.16 -5.84
C GLY B 296 6.98 8.26 -5.40
N ARG B 297 7.23 9.01 -4.33
CA ARG B 297 8.63 9.22 -3.93
C ARG B 297 9.29 7.92 -3.52
N ASP B 298 8.50 6.93 -3.06
CA ASP B 298 9.10 5.69 -2.62
C ASP B 298 9.38 4.75 -3.80
N MET B 299 8.50 4.75 -4.79
CA MET B 299 8.88 4.06 -6.03
C MET B 299 10.19 4.62 -6.54
N GLU B 300 10.35 5.95 -6.48
CA GLU B 300 11.59 6.60 -6.91
C GLU B 300 12.79 6.19 -6.07
N ALA B 301 12.62 6.16 -4.75
CA ALA B 301 13.72 5.72 -3.90
C ALA B 301 14.10 4.27 -4.19
N MET B 302 13.11 3.43 -4.47
CA MET B 302 13.39 2.02 -4.65
C MET B 302 14.06 1.79 -5.99
N ALA B 303 13.69 2.58 -6.97
CA ALA B 303 14.32 2.48 -8.28
C ALA B 303 15.79 2.88 -8.20
N ILE B 304 16.07 3.97 -7.48
CA ILE B 304 17.45 4.41 -7.29
C ILE B 304 18.22 3.42 -6.43
N GLY B 305 17.61 2.93 -5.34
CA GLY B 305 18.29 2.03 -4.44
C GLY B 305 18.68 0.70 -5.06
N LEU B 306 17.77 0.09 -5.82
CA LEU B 306 18.10 -1.17 -6.49
C LEU B 306 19.32 -0.99 -7.36
N ARG B 307 19.39 0.12 -8.07
CA ARG B 307 20.55 0.35 -8.93
C ARG B 307 21.81 0.57 -8.09
N GLU B 308 21.70 1.25 -6.93
CA GLU B 308 22.87 1.41 -6.07
C GLU B 308 23.36 0.08 -5.55
N ALA B 309 22.45 -0.87 -5.33
CA ALA B 309 22.81 -2.15 -4.75
C ALA B 309 23.69 -2.96 -5.69
N MET B 310 23.71 -2.63 -6.98
CA MET B 310 24.55 -3.34 -7.94
C MET B 310 26.04 -2.97 -7.83
N GLN B 311 26.39 -1.93 -7.10
CA GLN B 311 27.80 -1.56 -7.00
C GLN B 311 28.55 -2.60 -6.18
N TYR B 312 29.61 -3.17 -6.77
CA TYR B 312 30.36 -4.24 -6.11
C TYR B 312 30.85 -3.81 -4.74
N GLU B 313 31.45 -2.62 -4.64
CA GLU B 313 32.08 -2.24 -3.38
C GLU B 313 31.05 -2.15 -2.27
N TYR B 314 29.86 -1.64 -2.58
CA TYR B 314 28.81 -1.56 -1.58
C TYR B 314 28.43 -2.96 -1.10
N ILE B 315 28.21 -3.90 -2.01
CA ILE B 315 27.66 -5.17 -1.52
C ILE B 315 28.76 -5.99 -0.88
N GLU B 316 30.01 -5.87 -1.37
CA GLU B 316 31.14 -6.50 -0.70
C GLU B 316 31.26 -6.03 0.74
N HIS B 317 31.17 -4.72 0.95
CA HIS B 317 31.34 -4.22 2.30
C HIS B 317 30.17 -4.64 3.18
N ARG B 318 28.96 -4.59 2.63
CA ARG B 318 27.76 -5.04 3.35
C ARG B 318 27.99 -6.45 3.91
N VAL B 319 28.31 -7.41 3.03
CA VAL B 319 28.48 -8.79 3.47
C VAL B 319 29.70 -8.94 4.36
N LYS B 320 30.79 -8.24 4.08
CA LYS B 320 31.99 -8.45 4.88
C LYS B 320 31.89 -7.78 6.26
N GLN B 321 31.04 -6.78 6.39
CA GLN B 321 30.81 -6.21 7.71
C GLN B 321 30.06 -7.19 8.61
N VAL B 322 29.03 -7.86 8.07
CA VAL B 322 28.39 -8.95 8.80
C VAL B 322 29.41 -10.02 9.15
N ARG B 323 30.29 -10.34 8.20
CA ARG B 323 31.29 -11.37 8.40
C ARG B 323 32.29 -10.96 9.47
N TYR B 324 32.63 -9.67 9.53
CA TYR B 324 33.48 -9.18 10.60
C TYR B 324 32.90 -9.50 11.96
N LEU B 325 31.60 -9.28 12.12
CA LEU B 325 30.93 -9.59 13.39
C LEU B 325 31.00 -11.09 13.69
N GLY B 326 30.60 -11.92 12.73
CA GLY B 326 30.69 -13.36 12.94
C GLY B 326 32.10 -13.82 13.23
N ASP B 327 33.08 -13.37 12.45
CA ASP B 327 34.46 -13.80 12.64
C ASP B 327 34.96 -13.44 14.03
N LYS B 328 34.68 -12.22 14.48
CA LYS B 328 35.17 -11.81 15.79
C LYS B 328 34.57 -12.67 16.90
N LEU B 329 33.27 -12.95 16.81
CA LEU B 329 32.62 -13.81 17.79
C LEU B 329 33.20 -15.22 17.75
N LYS B 330 33.28 -15.79 16.55
CA LYS B 330 33.83 -17.13 16.41
CA LYS B 330 33.84 -17.13 16.38
C LYS B 330 35.25 -17.21 16.96
N ALA B 331 36.04 -16.13 16.79
CA ALA B 331 37.41 -16.19 17.28
C ALA B 331 37.47 -16.26 18.81
N ALA B 332 36.49 -15.69 19.50
CA ALA B 332 36.42 -15.79 20.96
C ALA B 332 35.68 -17.03 21.45
N GLY B 333 35.31 -17.94 20.55
CA GLY B 333 34.61 -19.14 20.96
C GLY B 333 33.11 -19.01 21.12
N VAL B 334 32.53 -17.87 20.75
CA VAL B 334 31.08 -17.69 20.88
C VAL B 334 30.38 -18.54 19.82
N PRO B 335 29.41 -19.37 20.20
CA PRO B 335 28.78 -20.28 19.23
C PRO B 335 27.79 -19.55 18.32
N ILE B 336 27.95 -19.75 17.01
CA ILE B 336 27.09 -19.11 16.04
C ILE B 336 26.67 -20.13 14.99
N VAL B 337 25.60 -19.82 14.27
CA VAL B 337 25.25 -20.57 13.08
C VAL B 337 26.32 -20.30 12.03
N GLU B 338 26.67 -21.32 11.26
CA GLU B 338 27.73 -21.21 10.26
C GLU B 338 27.26 -21.80 8.93
N PRO B 339 27.76 -21.27 7.80
CA PRO B 339 28.55 -20.04 7.73
C PRO B 339 27.70 -18.82 8.08
N VAL B 340 28.36 -17.68 8.34
CA VAL B 340 27.62 -16.44 8.51
C VAL B 340 26.94 -16.08 7.20
N GLY B 341 25.69 -15.66 7.28
CA GLY B 341 24.93 -15.29 6.11
C GLY B 341 25.20 -13.87 5.64
N GLY B 342 24.36 -13.42 4.71
CA GLY B 342 24.58 -12.12 4.10
C GLY B 342 24.10 -10.96 4.93
N HIS B 343 23.18 -11.18 5.86
CA HIS B 343 22.47 -10.08 6.49
C HIS B 343 22.51 -10.10 8.01
N ALA B 344 22.93 -11.20 8.63
CA ALA B 344 22.83 -11.34 10.07
C ALA B 344 23.80 -12.38 10.57
N VAL B 345 24.15 -12.25 11.85
CA VAL B 345 24.80 -13.31 12.62
C VAL B 345 23.77 -13.85 13.60
N PHE B 346 23.68 -15.17 13.70
CA PHE B 346 22.79 -15.86 14.65
C PHE B 346 23.64 -16.50 15.74
N LEU B 347 23.45 -16.06 16.98
CA LEU B 347 24.04 -16.73 18.11
C LEU B 347 23.29 -18.01 18.41
N ASP B 348 24.03 -19.07 18.75
CA ASP B 348 23.41 -20.32 19.20
C ASP B 348 23.17 -20.19 20.70
N ALA B 349 21.96 -19.75 21.06
CA ALA B 349 21.64 -19.51 22.46
C ALA B 349 21.52 -20.82 23.24
N ARG B 350 21.17 -21.91 22.57
CA ARG B 350 21.16 -23.20 23.23
CA ARG B 350 21.17 -23.20 23.24
C ARG B 350 22.55 -23.55 23.78
N ARG B 351 23.60 -23.31 22.98
CA ARG B 351 24.95 -23.62 23.44
C ARG B 351 25.49 -22.50 24.31
N PHE B 352 25.18 -21.24 23.97
CA PHE B 352 25.58 -20.11 24.78
C PHE B 352 25.14 -20.29 26.22
N CYS B 353 23.86 -20.62 26.41
CA CYS B 353 23.29 -20.83 27.75
C CYS B 353 22.96 -22.30 27.98
N GLU B 354 23.96 -23.17 27.88
CA GLU B 354 23.73 -24.60 28.08
C GLU B 354 23.36 -24.94 29.51
N HIS B 355 23.44 -23.98 30.43
CA HIS B 355 22.94 -24.21 31.78
C HIS B 355 21.43 -24.00 31.88
N LEU B 356 20.78 -23.56 30.82
CA LEU B 356 19.34 -23.29 30.81
C LEU B 356 18.60 -24.26 29.90
N THR B 357 17.39 -24.65 30.29
CA THR B 357 16.57 -25.45 29.41
C THR B 357 15.82 -24.56 28.43
N GLN B 358 15.33 -25.16 27.34
CA GLN B 358 14.65 -24.34 26.34
C GLN B 358 13.39 -23.72 26.93
N ASP B 359 12.73 -24.41 27.87
CA ASP B 359 11.56 -23.86 28.54
C ASP B 359 11.89 -22.64 29.39
N GLU B 360 13.17 -22.37 29.62
CA GLU B 360 13.61 -21.17 30.33
C GLU B 360 13.97 -20.04 29.39
N PHE B 361 13.73 -20.22 28.08
CA PHE B 361 13.88 -19.22 27.01
C PHE B 361 15.28 -18.64 26.97
N PRO B 362 16.30 -19.47 26.71
CA PRO B 362 17.67 -18.91 26.72
C PRO B 362 17.89 -17.82 25.68
N ALA B 363 17.28 -17.92 24.49
CA ALA B 363 17.50 -16.86 23.50
C ALA B 363 16.83 -15.56 23.92
N GLN B 364 15.60 -15.63 24.40
CA GLN B 364 14.94 -14.43 24.89
C GLN B 364 15.78 -13.77 25.98
N SER B 365 16.34 -14.56 26.90
CA SER B 365 17.11 -14.00 28.00
C SER B 365 18.44 -13.44 27.52
N LEU B 366 19.13 -14.18 26.66
CA LEU B 366 20.36 -13.66 26.09
C LEU B 366 20.13 -12.34 25.36
N ALA B 367 19.03 -12.22 24.62
CA ALA B 367 18.79 -10.95 23.93
C ALA B 367 18.58 -9.83 24.93
N ALA B 368 17.91 -10.12 26.05
CA ALA B 368 17.73 -9.07 27.05
C ALA B 368 19.07 -8.67 27.67
N SER B 369 19.93 -9.66 27.97
CA SER B 369 21.25 -9.36 28.53
C SER B 369 22.10 -8.55 27.56
N ILE B 370 22.03 -8.87 26.26
CA ILE B 370 22.81 -8.13 25.28
C ILE B 370 22.44 -6.65 25.30
N TYR B 371 21.15 -6.35 25.28
CA TYR B 371 20.72 -4.95 25.33
C TYR B 371 21.21 -4.28 26.61
N VAL B 372 21.05 -4.95 27.74
CA VAL B 372 21.45 -4.32 29.00
C VAL B 372 22.94 -4.00 28.98
N GLU B 373 23.76 -4.91 28.47
CA GLU B 373 25.20 -4.68 28.53
C GLU B 373 25.71 -3.70 27.48
N THR B 374 25.00 -3.50 26.38
CA THR B 374 25.55 -2.76 25.24
C THR B 374 24.63 -1.72 24.63
N GLY B 375 23.32 -1.78 24.87
CA GLY B 375 22.44 -0.93 24.12
C GLY B 375 22.13 -1.43 22.73
N VAL B 376 22.47 -2.70 22.45
CA VAL B 376 22.14 -3.37 21.19
C VAL B 376 20.85 -4.15 21.36
N ARG B 377 19.89 -3.93 20.45
CA ARG B 377 18.69 -4.75 20.36
C ARG B 377 18.89 -5.82 19.29
N SER B 378 18.57 -7.06 19.65
CA SER B 378 18.64 -8.23 18.78
C SER B 378 17.29 -8.93 18.81
N MET B 379 17.04 -9.83 17.87
CA MET B 379 15.76 -10.52 17.81
C MET B 379 15.85 -11.94 18.37
N GLU B 380 14.88 -12.28 19.23
CA GLU B 380 14.75 -13.68 19.63
C GLU B 380 14.24 -14.49 18.44
N ARG B 381 14.93 -15.55 18.10
N ARG B 381 14.95 -15.55 18.08
CA ARG B 381 14.49 -16.47 17.05
CA ARG B 381 14.50 -16.47 17.06
C ARG B 381 14.61 -17.88 17.62
C ARG B 381 14.63 -17.88 17.64
N GLY B 382 13.76 -18.17 18.59
CA GLY B 382 13.79 -19.44 19.31
C GLY B 382 12.39 -19.83 19.70
N ILE B 383 12.28 -20.47 20.88
CA ILE B 383 11.02 -21.06 21.30
C ILE B 383 9.92 -19.99 21.39
N ILE B 384 10.27 -18.76 21.79
CA ILE B 384 9.21 -17.75 21.96
C ILE B 384 8.57 -17.42 20.61
N SER B 385 9.41 -17.08 19.62
CA SER B 385 8.90 -16.73 18.30
C SER B 385 8.20 -17.91 17.64
N ALA B 386 8.57 -19.13 17.98
CA ALA B 386 7.94 -20.31 17.39
C ALA B 386 6.46 -20.42 17.79
N GLY B 387 6.05 -19.77 18.88
CA GLY B 387 4.66 -19.79 19.28
C GLY B 387 4.25 -21.05 20.00
N ARG B 388 2.99 -21.06 20.41
CA ARG B 388 2.41 -22.16 21.17
C ARG B 388 1.37 -22.84 20.30
N ASN B 389 1.35 -24.18 20.36
CA ASN B 389 0.31 -24.97 19.69
C ASN B 389 -1.02 -24.73 20.39
N ASN B 390 -1.93 -24.01 19.74
CA ASN B 390 -3.19 -23.63 20.38
C ASN B 390 -4.10 -24.82 20.62
N VAL B 391 -3.89 -25.92 19.92
CA VAL B 391 -4.70 -27.12 20.14
C VAL B 391 -4.25 -27.85 21.40
N THR B 392 -2.94 -28.09 21.52
CA THR B 392 -2.42 -28.86 22.64
C THR B 392 -1.91 -27.99 23.79
N GLY B 393 -1.69 -26.70 23.55
CA GLY B 393 -1.15 -25.83 24.58
C GLY B 393 0.34 -25.92 24.79
N GLU B 394 1.03 -26.80 24.08
CA GLU B 394 2.47 -26.96 24.23
C GLU B 394 3.21 -25.96 23.36
N HIS B 395 4.40 -25.58 23.81
CA HIS B 395 5.31 -24.82 22.96
C HIS B 395 5.55 -25.54 21.64
N HIS B 396 5.67 -24.76 20.57
CA HIS B 396 6.43 -25.23 19.42
C HIS B 396 7.90 -25.18 19.80
N ARG B 397 8.59 -26.31 19.63
CA ARG B 397 9.98 -26.39 20.09
C ARG B 397 10.91 -26.44 18.90
N PRO B 398 11.47 -25.32 18.47
CA PRO B 398 12.37 -25.33 17.31
C PRO B 398 13.74 -25.89 17.68
N LYS B 399 14.33 -26.63 16.74
CA LYS B 399 15.70 -27.08 16.91
C LYS B 399 16.65 -25.91 17.10
N LEU B 400 16.43 -24.83 16.35
CA LEU B 400 17.26 -23.64 16.42
C LEU B 400 16.73 -22.71 17.51
N GLU B 401 17.55 -22.50 18.54
CA GLU B 401 17.29 -21.54 19.61
C GLU B 401 18.35 -20.46 19.47
N THR B 402 18.01 -19.36 18.79
CA THR B 402 19.01 -18.39 18.38
C THR B 402 18.60 -16.98 18.72
N VAL B 403 19.61 -16.11 18.73
CA VAL B 403 19.45 -14.66 18.80
C VAL B 403 20.00 -14.09 17.50
N ARG B 404 19.18 -13.33 16.80
CA ARG B 404 19.56 -12.83 15.48
C ARG B 404 20.10 -11.41 15.63
N LEU B 405 21.36 -11.21 15.23
CA LEU B 405 21.98 -9.89 15.11
C LEU B 405 21.85 -9.48 13.65
N THR B 406 20.76 -8.79 13.34
CA THR B 406 20.42 -8.44 11.97
C THR B 406 20.95 -7.05 11.63
N ILE B 407 21.67 -6.95 10.52
CA ILE B 407 22.46 -5.74 10.26
C ILE B 407 21.78 -4.94 9.15
N PRO B 408 21.22 -3.77 9.45
CA PRO B 408 20.70 -2.89 8.40
C PRO B 408 21.82 -2.42 7.49
N ARG B 409 21.45 -2.07 6.28
CA ARG B 409 22.44 -1.72 5.26
C ARG B 409 22.80 -0.24 5.35
N ARG B 410 24.11 0.03 5.51
CA ARG B 410 24.71 1.35 5.45
C ARG B 410 24.41 2.18 6.69
N VAL B 411 24.03 1.52 7.78
CA VAL B 411 23.62 2.25 8.99
C VAL B 411 24.72 2.27 10.05
N TYR B 412 25.50 1.20 10.16
CA TYR B 412 26.46 1.03 11.24
C TYR B 412 27.87 0.87 10.69
N THR B 413 28.85 1.05 11.57
CA THR B 413 30.26 0.93 11.27
C THR B 413 30.84 -0.33 11.91
N TYR B 414 32.13 -0.56 11.65
CA TYR B 414 32.84 -1.63 12.33
C TYR B 414 32.98 -1.36 13.83
N ALA B 415 33.08 -0.09 14.23
CA ALA B 415 33.13 0.23 15.64
C ALA B 415 31.83 -0.16 16.34
N HIS B 416 30.69 0.02 15.66
CA HIS B 416 29.42 -0.49 16.18
C HIS B 416 29.43 -2.01 16.27
N MET B 417 29.99 -2.67 15.24
CA MET B 417 30.14 -4.11 15.30
C MET B 417 31.02 -4.53 16.45
N ASP B 418 32.02 -3.70 16.81
CA ASP B 418 32.84 -4.00 17.97
C ASP B 418 32.05 -3.84 19.27
N VAL B 419 31.23 -2.78 19.40
CA VAL B 419 30.34 -2.68 20.55
C VAL B 419 29.55 -3.97 20.72
N VAL B 420 28.97 -4.48 19.63
CA VAL B 420 28.15 -5.68 19.70
C VAL B 420 28.97 -6.87 20.12
N ALA B 421 30.09 -7.10 19.43
CA ALA B 421 30.91 -8.29 19.70
C ALA B 421 31.52 -8.25 21.10
N ASP B 422 32.14 -7.14 21.47
CA ASP B 422 32.78 -7.04 22.78
C ASP B 422 31.78 -7.32 23.89
N GLY B 423 30.56 -6.79 23.75
CA GLY B 423 29.54 -7.03 24.76
C GLY B 423 29.14 -8.49 24.82
N ILE B 424 28.95 -9.12 23.67
CA ILE B 424 28.57 -10.54 23.64
C ILE B 424 29.71 -11.40 24.17
N ILE B 425 30.95 -11.06 23.82
CA ILE B 425 32.09 -11.84 24.29
C ILE B 425 32.24 -11.71 25.80
N LYS B 426 32.02 -10.51 26.34
CA LYS B 426 32.08 -10.35 27.78
C LYS B 426 31.00 -11.19 28.46
N LEU B 427 29.79 -11.20 27.90
CA LEU B 427 28.73 -12.05 28.40
C LEU B 427 29.09 -13.52 28.31
N TYR B 428 29.73 -13.92 27.22
CA TYR B 428 30.11 -15.32 27.05
C TYR B 428 31.10 -15.76 28.12
N GLN B 429 31.97 -14.86 28.55
CA GLN B 429 32.99 -15.23 29.52
C GLN B 429 32.41 -15.49 30.90
N HIS B 430 31.20 -15.03 31.18
N HIS B 430 31.18 -15.04 31.15
CA HIS B 430 30.50 -15.43 32.41
CA HIS B 430 30.46 -15.30 32.38
C HIS B 430 29.07 -15.84 32.07
C HIS B 430 29.06 -15.83 32.07
N LYS B 431 28.96 -16.68 31.04
CA LYS B 431 27.65 -17.06 30.51
C LYS B 431 26.81 -17.82 31.54
N GLU B 432 27.46 -18.51 32.48
CA GLU B 432 26.73 -19.22 33.51
C GLU B 432 25.87 -18.30 34.36
N ASP B 433 26.16 -17.00 34.39
CA ASP B 433 25.38 -16.06 35.20
C ASP B 433 24.08 -15.64 34.54
N ILE B 434 23.84 -15.99 33.28
CA ILE B 434 22.62 -15.57 32.60
C ILE B 434 21.44 -16.36 33.16
N ARG B 435 20.39 -15.64 33.55
CA ARG B 435 19.27 -16.26 34.24
C ARG B 435 18.16 -16.64 33.27
N GLY B 436 17.42 -17.69 33.62
CA GLY B 436 16.28 -18.06 32.82
C GLY B 436 15.11 -17.12 33.03
N LEU B 437 14.17 -17.17 32.09
CA LEU B 437 12.98 -16.31 32.10
C LEU B 437 11.71 -17.13 32.17
N LYS B 438 10.66 -16.53 32.72
CA LYS B 438 9.33 -17.11 32.75
C LYS B 438 8.33 -16.09 32.25
N PHE B 439 7.24 -16.56 31.63
CA PHE B 439 6.17 -15.67 31.24
C PHE B 439 5.57 -15.01 32.48
N ILE B 440 5.32 -13.71 32.39
CA ILE B 440 4.36 -13.07 33.28
C ILE B 440 3.16 -12.53 32.54
N TYR B 441 3.25 -12.40 31.22
CA TYR B 441 2.09 -12.12 30.37
C TYR B 441 2.35 -12.77 29.03
N GLU B 442 1.40 -13.57 28.56
CA GLU B 442 1.51 -14.24 27.27
C GLU B 442 0.22 -14.00 26.50
N PRO B 443 0.27 -13.28 25.39
CA PRO B 443 -0.94 -13.14 24.57
C PRO B 443 -1.22 -14.44 23.83
N LYS B 444 -2.45 -14.57 23.35
CA LYS B 444 -2.85 -15.82 22.73
C LYS B 444 -2.17 -16.03 21.39
N GLN B 445 -1.80 -14.95 20.70
CA GLN B 445 -1.16 -15.05 19.40
C GLN B 445 -0.10 -13.95 19.28
N LEU B 446 0.80 -14.13 18.33
CA LEU B 446 1.90 -13.19 18.11
C LEU B 446 2.64 -12.91 19.42
N ARG B 447 2.92 -13.99 20.18
CA ARG B 447 3.41 -13.80 21.54
C ARG B 447 4.80 -13.16 21.57
N PHE B 448 5.62 -13.38 20.54
CA PHE B 448 6.93 -12.72 20.53
C PHE B 448 6.81 -11.20 20.55
N PHE B 449 5.69 -10.64 20.09
CA PHE B 449 5.57 -9.21 19.89
C PHE B 449 5.28 -8.49 21.20
N THR B 450 4.46 -9.07 22.09
CA THR B 450 4.06 -8.37 23.29
C THR B 450 4.20 -9.18 24.59
N ALA B 451 4.74 -10.39 24.55
CA ALA B 451 4.88 -11.15 25.79
C ALA B 451 5.84 -10.44 26.74
N ARG B 452 5.58 -10.58 28.04
CA ARG B 452 6.44 -10.04 29.08
CA ARG B 452 6.44 -10.04 29.08
C ARG B 452 6.94 -11.17 29.98
N PHE B 453 8.16 -10.99 30.47
CA PHE B 453 8.83 -12.03 31.24
C PHE B 453 9.37 -11.47 32.54
N ASP B 454 9.74 -12.37 33.43
CA ASP B 454 10.59 -12.05 34.56
C ASP B 454 11.57 -13.19 34.77
N TYR B 455 12.65 -12.89 35.49
CA TYR B 455 13.68 -13.86 35.78
C TYR B 455 13.16 -14.96 36.69
N ILE B 456 13.65 -16.17 36.48
CA ILE B 456 13.29 -17.31 37.33
C ILE B 456 13.99 -17.16 38.66
#